data_5K52
#
_entry.id   5K52
#
_cell.length_a   135.658
_cell.length_b   135.658
_cell.length_c   71.795
_cell.angle_alpha   90.000
_cell.angle_beta   90.000
_cell.angle_gamma   90.000
#
_symmetry.space_group_name_H-M   'P 43'
#
loop_
_entity.id
_entity.type
_entity.pdbx_description
1 polymer 'Aldehyde decarbonylase'
2 non-polymer octadecanal
3 water water
#
_entity_poly.entity_id   1
_entity_poly.type   'polypeptide(L)'
_entity_poly.pdbx_seq_one_letter_code
;HHHHHHSSGLVPRGSHMASMTGGQQMGRGSEFMPQLEATAAIDYQSETYKDAYSRINAIVIEGEDEAANNYVRLAELMPE
QSEELASLAKMEARHKKGFTACGKNLNVTPDMDFAKKFFSDLHGNFQVAAAAGNIVTCLLIQALIIEAFAISAYNVYIPH
ADDFARKITENVVKDEYLHLNFGEQWLKANFESAKDELERANRENLAIVWRMLDEVAGDALVLGMEKEALMEDFTIAYQE
ALQNIGFSTRETLRMLTAGLAAAAA
;
_entity_poly.pdbx_strand_id   A,B,C,D
#
# COMPACT_ATOMS: atom_id res chain seq x y z
N ILE A 42 -10.80 -7.46 -36.81
CA ILE A 42 -9.63 -6.73 -37.33
C ILE A 42 -9.26 -7.30 -38.70
N ASP A 43 -9.23 -6.42 -39.68
CA ASP A 43 -8.67 -6.70 -40.97
C ASP A 43 -7.20 -6.29 -40.97
N TYR A 44 -6.31 -7.25 -40.76
CA TYR A 44 -4.85 -7.00 -40.68
C TYR A 44 -4.15 -6.43 -41.93
N GLN A 45 -4.91 -6.10 -42.97
CA GLN A 45 -4.43 -5.65 -44.28
C GLN A 45 -5.33 -4.56 -44.92
N SER A 46 -6.40 -4.10 -44.26
CA SER A 46 -7.03 -2.88 -44.71
C SER A 46 -5.97 -1.77 -44.60
N GLU A 47 -6.09 -0.74 -45.45
CA GLU A 47 -5.29 0.50 -45.36
C GLU A 47 -5.36 1.20 -44.01
N THR A 48 -6.50 1.12 -43.35
CA THR A 48 -6.63 1.70 -42.04
C THR A 48 -5.57 1.07 -41.17
N TYR A 49 -5.57 -0.27 -41.18
CA TYR A 49 -4.77 -1.07 -40.27
C TYR A 49 -3.29 -0.85 -40.52
N LYS A 50 -2.89 -0.99 -41.77
CA LYS A 50 -1.50 -1.00 -42.17
C LYS A 50 -0.91 0.30 -41.86
N ASP A 51 -1.72 1.33 -42.13
CA ASP A 51 -1.44 2.73 -41.82
C ASP A 51 -1.20 2.91 -40.33
N ALA A 52 -2.13 2.45 -39.50
CA ALA A 52 -1.93 2.49 -38.04
C ALA A 52 -0.67 1.74 -37.64
N TYR A 53 -0.46 0.55 -38.21
CA TYR A 53 0.62 -0.37 -37.83
C TYR A 53 1.99 0.20 -38.17
N SER A 54 2.05 0.95 -39.26
CA SER A 54 3.30 1.49 -39.70
C SER A 54 3.75 2.54 -38.70
N ARG A 55 2.86 3.22 -38.00
CA ARG A 55 3.39 4.14 -37.00
C ARG A 55 3.72 3.31 -35.77
N ILE A 56 2.89 2.35 -35.43
CA ILE A 56 3.03 1.68 -34.15
C ILE A 56 4.25 0.76 -34.18
N ASN A 57 4.40 0.01 -35.24
CA ASN A 57 5.61 -0.76 -35.46
C ASN A 57 6.91 0.07 -35.36
N ALA A 58 6.93 1.23 -35.98
CA ALA A 58 8.07 2.16 -35.95
C ALA A 58 8.40 2.66 -34.55
N ILE A 59 7.35 2.87 -33.74
CA ILE A 59 7.46 3.37 -32.35
C ILE A 59 8.15 2.34 -31.54
N VAL A 60 7.75 1.11 -31.79
CA VAL A 60 8.34 -0.02 -31.10
C VAL A 60 9.78 -0.21 -31.61
N ILE A 61 10.01 -0.13 -32.92
CA ILE A 61 11.34 -0.32 -33.47
C ILE A 61 12.28 0.79 -32.99
N GLU A 62 11.89 2.03 -33.18
CA GLU A 62 12.71 3.14 -32.67
C GLU A 62 12.89 3.01 -31.16
N GLY A 63 11.82 2.66 -30.43
CA GLY A 63 11.91 2.46 -28.98
C GLY A 63 13.00 1.56 -28.47
N GLU A 64 13.11 0.37 -29.09
CA GLU A 64 14.19 -0.63 -28.84
C GLU A 64 15.63 -0.15 -29.24
N ASP A 65 15.75 0.50 -30.39
CA ASP A 65 16.95 1.19 -30.84
C ASP A 65 17.42 2.27 -29.84
N GLU A 66 16.53 3.17 -29.46
CA GLU A 66 16.88 4.15 -28.46
C GLU A 66 17.20 3.49 -27.11
N ALA A 67 16.57 2.38 -26.75
CA ALA A 67 16.92 1.68 -25.49
C ALA A 67 18.38 1.13 -25.51
N ALA A 68 18.68 0.25 -26.46
CA ALA A 68 20.03 -0.14 -26.87
C ALA A 68 21.03 0.97 -26.77
N ASN A 69 20.89 2.06 -27.50
CA ASN A 69 21.86 3.16 -27.34
C ASN A 69 21.90 3.73 -25.92
N ASN A 70 20.75 3.80 -25.25
CA ASN A 70 20.68 4.47 -23.94
C ASN A 70 21.34 3.66 -22.81
N TYR A 71 21.24 2.34 -22.94
CA TYR A 71 21.80 1.43 -21.99
C TYR A 71 23.32 1.34 -22.21
N VAL A 72 23.76 1.43 -23.48
CA VAL A 72 25.19 1.56 -23.84
C VAL A 72 25.75 2.82 -23.20
N ARG A 73 25.15 3.95 -23.48
CA ARG A 73 25.49 5.24 -22.85
C ARG A 73 25.54 5.19 -21.32
N LEU A 74 24.60 4.47 -20.71
CA LEU A 74 24.55 4.27 -19.24
C LEU A 74 25.73 3.45 -18.72
N ALA A 75 26.10 2.43 -19.49
CA ALA A 75 27.32 1.64 -19.32
C ALA A 75 28.54 2.54 -19.15
N GLU A 76 28.56 3.66 -19.82
CA GLU A 76 29.64 4.61 -19.62
C GLU A 76 29.55 5.38 -18.27
N LEU A 77 28.32 5.72 -17.89
CA LEU A 77 28.11 6.57 -16.71
C LEU A 77 28.16 5.77 -15.40
N MET A 78 27.93 4.46 -15.49
CA MET A 78 27.93 3.55 -14.34
C MET A 78 28.82 2.36 -14.73
N PRO A 79 30.14 2.60 -14.94
CA PRO A 79 30.93 1.48 -15.47
C PRO A 79 31.06 0.33 -14.45
N GLU A 80 30.88 0.67 -13.15
CA GLU A 80 30.61 -0.35 -12.14
C GLU A 80 29.67 -1.45 -12.74
N GLN A 81 28.47 -1.06 -13.21
CA GLN A 81 27.44 -2.03 -13.70
C GLN A 81 27.34 -2.26 -15.23
N SER A 82 28.39 -1.85 -15.96
CA SER A 82 28.48 -1.93 -17.44
C SER A 82 28.29 -3.31 -18.09
N GLU A 83 28.59 -4.37 -17.35
CA GLU A 83 28.36 -5.77 -17.78
C GLU A 83 26.83 -6.06 -17.99
N GLU A 84 25.99 -5.77 -16.99
CA GLU A 84 24.51 -5.99 -17.06
C GLU A 84 23.91 -5.10 -18.17
N LEU A 85 24.25 -3.83 -18.11
CA LEU A 85 23.76 -2.83 -19.02
C LEU A 85 24.06 -3.15 -20.45
N ALA A 86 25.30 -3.51 -20.77
CA ALA A 86 25.64 -4.03 -22.12
C ALA A 86 24.85 -5.28 -22.52
N SER A 87 24.52 -6.14 -21.56
CA SER A 87 23.65 -7.30 -21.84
C SER A 87 22.20 -6.90 -22.09
N LEU A 88 21.74 -5.91 -21.35
CA LEU A 88 20.43 -5.33 -21.58
C LEU A 88 20.33 -4.73 -22.99
N ALA A 89 21.39 -4.05 -23.44
CA ALA A 89 21.38 -3.39 -24.71
C ALA A 89 21.39 -4.39 -25.86
N LYS A 90 22.16 -5.46 -25.75
CA LYS A 90 22.14 -6.52 -26.75
C LYS A 90 20.72 -7.03 -26.89
N MET A 91 20.07 -7.23 -25.76
CA MET A 91 18.75 -7.77 -25.73
C MET A 91 17.73 -6.86 -26.47
N GLU A 92 17.79 -5.57 -26.17
CA GLU A 92 16.92 -4.60 -26.84
C GLU A 92 17.15 -4.61 -28.34
N ALA A 93 18.42 -4.75 -28.72
CA ALA A 93 18.80 -4.78 -30.14
C ALA A 93 18.26 -6.05 -30.79
N ARG A 94 18.22 -7.16 -30.06
CA ARG A 94 17.55 -8.38 -30.55
C ARG A 94 16.05 -8.17 -30.81
N HIS A 95 15.38 -7.42 -29.93
CA HIS A 95 13.94 -7.20 -30.04
C HIS A 95 13.66 -6.28 -31.21
N LYS A 96 14.57 -5.35 -31.44
CA LYS A 96 14.50 -4.53 -32.63
C LYS A 96 14.27 -5.41 -33.88
N LYS A 97 15.00 -6.54 -33.96
CA LYS A 97 14.93 -7.41 -35.14
C LYS A 97 13.63 -8.13 -35.19
N GLY A 98 13.14 -8.57 -34.05
CA GLY A 98 11.85 -9.25 -34.01
C GLY A 98 10.73 -8.32 -34.43
N PHE A 99 10.75 -7.11 -33.90
CA PHE A 99 9.71 -6.18 -34.27
C PHE A 99 9.82 -5.69 -35.71
N THR A 100 11.04 -5.59 -36.24
CA THR A 100 11.24 -5.31 -37.68
C THR A 100 10.53 -6.38 -38.55
N ALA A 101 10.67 -7.65 -38.18
CA ALA A 101 10.03 -8.72 -38.92
C ALA A 101 8.50 -8.68 -38.86
N CYS A 102 7.91 -8.08 -37.82
CA CYS A 102 6.44 -8.02 -37.70
C CYS A 102 5.81 -7.07 -38.73
N GLY A 103 6.51 -5.97 -39.04
CA GLY A 103 6.19 -5.09 -40.16
C GLY A 103 6.19 -5.80 -41.52
N LYS A 104 7.37 -6.20 -41.99
CA LYS A 104 7.61 -7.03 -43.21
C LYS A 104 6.57 -8.13 -43.44
N ASN A 105 6.20 -8.86 -42.40
CA ASN A 105 5.16 -9.90 -42.48
C ASN A 105 3.79 -9.34 -42.84
N LEU A 106 3.55 -8.09 -42.46
CA LEU A 106 2.33 -7.41 -42.79
C LEU A 106 2.45 -6.51 -44.01
N ASN A 107 3.62 -6.49 -44.66
CA ASN A 107 3.94 -5.59 -45.76
C ASN A 107 3.86 -4.14 -45.40
N VAL A 108 4.35 -3.80 -44.23
CA VAL A 108 4.27 -2.45 -43.75
C VAL A 108 5.71 -1.93 -43.73
N THR A 109 5.93 -0.79 -44.35
CA THR A 109 7.17 -0.11 -44.09
C THR A 109 6.99 0.72 -42.82
N PRO A 110 7.86 0.49 -41.84
CA PRO A 110 7.75 1.38 -40.68
C PRO A 110 7.99 2.88 -41.03
N ASP A 111 7.19 3.78 -40.44
CA ASP A 111 7.39 5.26 -40.51
C ASP A 111 8.35 5.75 -39.46
N MET A 112 9.63 5.62 -39.79
CA MET A 112 10.66 5.84 -38.79
C MET A 112 10.77 7.28 -38.41
N ASP A 113 10.42 8.19 -39.33
CA ASP A 113 10.54 9.65 -39.03
C ASP A 113 9.49 10.08 -38.00
N PHE A 114 8.32 9.43 -38.01
CA PHE A 114 7.26 9.71 -37.04
C PHE A 114 7.72 9.17 -35.70
N ALA A 115 8.19 7.95 -35.70
CA ALA A 115 8.67 7.38 -34.48
C ALA A 115 9.87 8.15 -33.89
N LYS A 116 10.80 8.59 -34.72
CA LYS A 116 11.92 9.41 -34.21
C LYS A 116 11.39 10.75 -33.59
N LYS A 117 10.46 11.38 -34.28
CA LYS A 117 9.77 12.58 -33.76
C LYS A 117 8.78 12.28 -32.56
N PHE A 118 8.26 11.06 -32.47
CA PHE A 118 7.48 10.63 -31.31
C PHE A 118 8.34 10.70 -30.03
N PHE A 119 9.58 10.21 -30.16
CA PHE A 119 10.47 10.05 -29.01
C PHE A 119 11.29 11.28 -28.61
N SER A 120 11.24 12.27 -29.46
CA SER A 120 12.15 13.40 -29.47
C SER A 120 12.36 14.17 -28.14
N ASP A 121 11.27 14.55 -27.45
CA ASP A 121 11.40 15.32 -26.14
C ASP A 121 12.03 14.45 -25.07
N LEU A 122 11.60 13.19 -25.03
CA LEU A 122 12.11 12.26 -24.03
C LEU A 122 13.56 11.91 -24.28
N HIS A 123 13.84 11.65 -25.54
CA HIS A 123 15.19 11.45 -26.01
C HIS A 123 16.05 12.67 -25.59
N GLY A 124 15.54 13.87 -25.82
CA GLY A 124 16.22 15.10 -25.43
C GLY A 124 16.59 15.17 -23.95
N ASN A 125 15.61 14.93 -23.09
CA ASN A 125 15.81 14.96 -21.64
C ASN A 125 16.81 13.92 -21.12
N PHE A 126 16.82 12.74 -21.76
CA PHE A 126 17.78 11.71 -21.51
C PHE A 126 19.15 12.20 -21.95
N GLN A 127 19.28 12.69 -23.18
CA GLN A 127 20.59 13.23 -23.68
C GLN A 127 21.14 14.27 -22.73
N VAL A 128 20.33 15.29 -22.43
CA VAL A 128 20.73 16.35 -21.50
C VAL A 128 21.08 15.79 -20.14
N ALA A 129 20.27 14.86 -19.65
CA ALA A 129 20.54 14.31 -18.32
C ALA A 129 21.82 13.46 -18.31
N ALA A 130 22.04 12.70 -19.38
CA ALA A 130 23.24 11.90 -19.63
C ALA A 130 24.51 12.78 -19.79
N ALA A 131 24.41 13.82 -20.64
CA ALA A 131 25.51 14.75 -20.91
C ALA A 131 26.01 15.43 -19.65
N ALA A 132 25.20 15.37 -18.58
CA ALA A 132 25.54 16.00 -17.30
C ALA A 132 25.60 15.03 -16.13
N GLY A 133 25.64 13.73 -16.41
CA GLY A 133 25.81 12.75 -15.35
C GLY A 133 24.65 12.55 -14.40
N ASN A 134 23.47 13.06 -14.78
CA ASN A 134 22.24 12.84 -14.00
C ASN A 134 21.64 11.48 -14.28
N ILE A 135 22.31 10.48 -13.71
CA ILE A 135 22.05 9.06 -13.88
C ILE A 135 20.70 8.72 -13.29
N VAL A 136 20.30 9.41 -12.23
CA VAL A 136 19.01 9.13 -11.61
C VAL A 136 17.91 9.41 -12.62
N THR A 137 17.91 10.60 -13.19
CA THR A 137 16.96 11.00 -14.24
C THR A 137 16.96 10.02 -15.43
N CYS A 138 18.15 9.72 -15.92
CA CYS A 138 18.36 8.77 -16.98
C CYS A 138 17.71 7.45 -16.73
N LEU A 139 17.84 6.96 -15.49
CA LEU A 139 17.30 5.63 -15.18
C LEU A 139 15.75 5.67 -15.04
N LEU A 140 15.20 6.77 -14.49
CA LEU A 140 13.74 6.95 -14.42
C LEU A 140 13.14 6.84 -15.80
N ILE A 141 13.75 7.56 -16.72
CA ILE A 141 13.28 7.63 -18.07
C ILE A 141 13.24 6.27 -18.71
N GLN A 142 14.36 5.55 -18.63
CA GLN A 142 14.55 4.36 -19.44
C GLN A 142 14.19 3.08 -18.73
N ALA A 143 14.59 2.98 -17.47
CA ALA A 143 14.38 1.74 -16.72
C ALA A 143 12.95 1.60 -16.14
N LEU A 144 12.24 2.71 -15.93
CA LEU A 144 10.92 2.67 -15.25
C LEU A 144 9.79 3.14 -16.16
N ILE A 145 9.96 4.30 -16.76
CA ILE A 145 8.91 4.92 -17.53
C ILE A 145 8.69 4.28 -18.86
N ILE A 146 9.74 4.21 -19.62
CA ILE A 146 9.66 3.68 -20.96
C ILE A 146 9.35 2.23 -20.85
N GLU A 147 9.94 1.59 -19.86
CA GLU A 147 9.81 0.17 -19.67
C GLU A 147 8.35 -0.22 -19.29
N ALA A 148 7.77 0.46 -18.29
CA ALA A 148 6.34 0.24 -17.93
C ALA A 148 5.47 0.41 -19.15
N PHE A 149 5.74 1.47 -19.91
CA PHE A 149 4.95 1.82 -21.06
C PHE A 149 5.10 0.70 -22.10
N ALA A 150 6.33 0.26 -22.33
CA ALA A 150 6.59 -0.72 -23.33
C ALA A 150 5.91 -1.99 -22.98
N ILE A 151 6.15 -2.50 -21.80
CA ILE A 151 5.59 -3.77 -21.35
C ILE A 151 4.06 -3.72 -21.39
N SER A 152 3.49 -2.62 -20.97
CA SER A 152 2.02 -2.52 -20.89
C SER A 152 1.38 -2.59 -22.28
N ALA A 153 2.03 -1.89 -23.20
CA ALA A 153 1.61 -1.82 -24.58
C ALA A 153 1.70 -3.18 -25.26
N TYR A 154 2.81 -3.85 -25.06
CA TYR A 154 3.02 -5.14 -25.65
C TYR A 154 2.00 -6.09 -25.13
N ASN A 155 1.70 -5.96 -23.85
CA ASN A 155 0.75 -6.87 -23.21
C ASN A 155 -0.67 -6.60 -23.69
N VAL A 156 -1.01 -5.33 -23.87
CA VAL A 156 -2.33 -4.91 -24.42
C VAL A 156 -2.48 -5.24 -25.95
N TYR A 157 -1.38 -5.22 -26.68
CA TYR A 157 -1.32 -5.61 -28.06
C TYR A 157 -1.56 -7.11 -28.29
N ILE A 158 -0.93 -7.95 -27.48
CA ILE A 158 -0.89 -9.41 -27.64
C ILE A 158 -2.19 -10.17 -27.90
N PRO A 159 -3.29 -9.87 -27.18
CA PRO A 159 -4.56 -10.59 -27.44
C PRO A 159 -5.18 -10.38 -28.84
N HIS A 160 -4.79 -9.28 -29.48
CA HIS A 160 -5.33 -8.79 -30.69
C HIS A 160 -4.28 -8.85 -31.79
N ALA A 161 -3.05 -9.31 -31.53
CA ALA A 161 -2.06 -9.39 -32.63
C ALA A 161 -2.25 -10.67 -33.53
N ASP A 162 -1.84 -10.58 -34.82
CA ASP A 162 -1.73 -11.76 -35.70
C ASP A 162 -0.76 -12.82 -35.15
N ASP A 163 -0.84 -14.05 -35.67
CA ASP A 163 -0.11 -15.20 -35.11
C ASP A 163 1.33 -14.97 -35.05
N PHE A 164 1.89 -14.50 -36.15
CA PHE A 164 3.32 -14.30 -36.19
C PHE A 164 3.71 -13.24 -35.14
N ALA A 165 3.10 -12.07 -35.16
CA ALA A 165 3.54 -11.05 -34.25
C ALA A 165 3.23 -11.37 -32.78
N ARG A 166 2.09 -12.04 -32.51
CA ARG A 166 1.76 -12.54 -31.17
C ARG A 166 2.93 -13.36 -30.63
N LYS A 167 3.45 -14.32 -31.41
CA LYS A 167 4.61 -15.12 -30.97
C LYS A 167 5.77 -14.21 -30.61
N ILE A 168 6.16 -13.34 -31.54
CA ILE A 168 7.34 -12.47 -31.34
C ILE A 168 7.22 -11.56 -30.12
N THR A 169 6.01 -11.07 -29.87
CA THR A 169 5.80 -10.11 -28.79
C THR A 169 5.79 -10.83 -27.44
N GLU A 170 5.19 -12.02 -27.41
CA GLU A 170 5.14 -12.84 -26.17
C GLU A 170 6.51 -13.28 -25.74
N ASN A 171 7.43 -13.47 -26.70
CA ASN A 171 8.83 -13.70 -26.40
C ASN A 171 9.54 -12.49 -25.93
N VAL A 172 9.32 -11.38 -26.59
CA VAL A 172 9.92 -10.15 -26.14
C VAL A 172 9.52 -9.88 -24.71
N VAL A 173 8.24 -10.02 -24.41
CA VAL A 173 7.71 -9.83 -23.05
C VAL A 173 8.35 -10.81 -22.03
N LYS A 174 8.28 -12.10 -22.35
CA LYS A 174 9.04 -13.15 -21.62
C LYS A 174 10.43 -12.62 -21.22
N ASP A 175 11.26 -12.29 -22.22
CA ASP A 175 12.62 -11.80 -22.00
C ASP A 175 12.57 -10.50 -21.21
N GLU A 176 11.83 -9.52 -21.70
CA GLU A 176 11.89 -8.16 -21.12
C GLU A 176 11.37 -8.14 -19.69
N TYR A 177 10.77 -9.24 -19.20
CA TYR A 177 10.78 -9.57 -17.75
C TYR A 177 11.09 -11.03 -17.35
N LEU A 178 12.22 -11.53 -17.84
N LEU A 178 11.04 -5.74 -17.06
CA LEU A 178 12.89 -12.76 -17.36
CA LEU A 178 12.26 -5.88 -16.21
C LEU A 178 14.21 -12.33 -16.73
C LEU A 178 13.57 -5.68 -17.03
N HIS A 179 14.97 -11.47 -17.43
N HIS A 179 13.80 -4.39 -17.27
CA HIS A 179 16.02 -10.64 -16.83
CA HIS A 179 15.04 -3.81 -17.69
C HIS A 179 15.35 -9.66 -15.83
C HIS A 179 15.21 -2.56 -16.80
N LEU A 180 16.10 -9.20 -14.81
CA LEU A 180 15.54 -8.34 -13.72
C LEU A 180 15.76 -6.85 -13.97
N ASN A 181 14.91 -6.00 -13.37
CA ASN A 181 14.89 -4.58 -13.74
C ASN A 181 16.10 -3.93 -13.11
N PHE A 182 17.14 -3.81 -13.94
CA PHE A 182 18.44 -3.44 -13.48
C PHE A 182 18.34 -2.06 -12.82
N GLY A 183 17.81 -1.09 -13.56
CA GLY A 183 17.67 0.29 -13.11
C GLY A 183 16.82 0.47 -11.87
N GLU A 184 15.77 -0.34 -11.72
CA GLU A 184 14.94 -0.30 -10.52
C GLU A 184 15.70 -0.76 -9.25
N GLN A 185 16.39 -1.92 -9.29
CA GLN A 185 17.21 -2.39 -8.12
C GLN A 185 18.31 -1.38 -7.69
N TRP A 186 18.90 -0.68 -8.66
CA TRP A 186 19.92 0.29 -8.37
C TRP A 186 19.29 1.48 -7.62
N LEU A 187 18.18 2.01 -8.17
CA LEU A 187 17.42 3.13 -7.55
C LEU A 187 16.88 2.77 -6.17
N LYS A 188 16.49 1.52 -5.99
CA LYS A 188 16.07 1.02 -4.67
C LYS A 188 17.22 1.03 -3.64
N ALA A 189 18.39 0.55 -4.08
CA ALA A 189 19.60 0.54 -3.22
C ALA A 189 20.17 1.92 -2.98
N ASN A 190 19.79 2.91 -3.82
CA ASN A 190 20.30 4.28 -3.74
C ASN A 190 19.27 5.32 -3.38
N PHE A 191 18.21 4.81 -2.78
CA PHE A 191 17.02 5.55 -2.79
C PHE A 191 17.18 6.87 -2.08
N GLU A 192 17.72 6.83 -0.86
CA GLU A 192 17.70 8.06 -0.02
C GLU A 192 18.40 9.20 -0.77
N SER A 193 19.52 8.88 -1.42
CA SER A 193 20.28 9.82 -2.22
C SER A 193 19.51 10.32 -3.44
N ALA A 194 18.90 9.39 -4.19
CA ALA A 194 18.17 9.72 -5.43
C ALA A 194 16.76 10.35 -5.24
N LYS A 195 16.15 10.10 -4.08
CA LYS A 195 14.79 10.57 -3.80
C LYS A 195 14.41 11.93 -4.47
N ASP A 196 15.18 13.00 -4.25
CA ASP A 196 14.73 14.34 -4.72
C ASP A 196 14.83 14.52 -6.23
N GLU A 197 15.87 13.93 -6.82
CA GLU A 197 16.01 13.97 -8.26
C GLU A 197 14.92 13.14 -8.94
N LEU A 198 14.61 11.98 -8.38
CA LEU A 198 13.52 11.16 -8.88
C LEU A 198 12.19 11.93 -8.97
N GLU A 199 11.93 12.84 -8.04
CA GLU A 199 10.71 13.65 -8.05
C GLU A 199 10.67 14.70 -9.18
N ARG A 200 11.80 15.36 -9.36
CA ARG A 200 12.02 16.31 -10.46
C ARG A 200 11.90 15.54 -11.79
N ALA A 201 12.70 14.47 -11.94
CA ALA A 201 12.66 13.68 -13.19
C ALA A 201 11.20 13.30 -13.54
N ASN A 202 10.50 12.79 -12.54
CA ASN A 202 9.11 12.41 -12.71
C ASN A 202 8.25 13.53 -13.29
N ARG A 203 8.20 14.72 -12.69
CA ARG A 203 7.30 15.78 -13.17
C ARG A 203 7.56 16.15 -14.63
N GLU A 204 8.83 16.40 -14.96
CA GLU A 204 9.27 16.66 -16.34
C GLU A 204 8.83 15.49 -17.28
N ASN A 205 9.13 14.23 -16.92
CA ASN A 205 9.11 13.11 -17.91
C ASN A 205 7.84 12.29 -18.06
N LEU A 206 7.13 12.07 -16.95
CA LEU A 206 5.82 11.41 -17.01
C LEU A 206 4.87 12.20 -17.88
N ALA A 207 4.85 13.50 -17.65
CA ALA A 207 4.05 14.44 -18.42
C ALA A 207 4.09 14.18 -19.94
N ILE A 208 5.29 14.09 -20.46
CA ILE A 208 5.59 13.78 -21.86
C ILE A 208 5.03 12.42 -22.31
N VAL A 209 5.23 11.41 -21.47
CA VAL A 209 4.79 10.05 -21.78
C VAL A 209 3.27 9.96 -21.85
N TRP A 210 2.60 10.80 -21.07
CA TRP A 210 1.15 10.88 -21.18
C TRP A 210 0.83 11.63 -22.49
N ARG A 211 1.61 12.65 -22.89
CA ARG A 211 1.36 13.27 -24.21
C ARG A 211 1.50 12.19 -25.31
N MET A 212 2.45 11.25 -25.12
CA MET A 212 2.77 10.26 -26.12
C MET A 212 1.66 9.25 -26.32
N LEU A 213 1.07 8.79 -25.25
CA LEU A 213 -0.14 7.97 -25.34
C LEU A 213 -1.35 8.70 -26.02
N ASP A 214 -1.62 9.95 -25.65
CA ASP A 214 -2.66 10.71 -26.35
C ASP A 214 -2.49 10.74 -27.87
N GLU A 215 -1.25 10.88 -28.36
CA GLU A 215 -1.01 10.94 -29.80
C GLU A 215 -1.25 9.62 -30.54
N VAL A 216 -1.02 8.47 -29.88
CA VAL A 216 -1.21 7.17 -30.56
C VAL A 216 -2.34 6.36 -30.08
N ALA A 217 -3.03 6.79 -29.04
CA ALA A 217 -4.34 6.21 -28.70
C ALA A 217 -5.16 5.80 -29.93
N GLY A 218 -5.47 6.76 -30.81
CA GLY A 218 -6.28 6.54 -32.04
C GLY A 218 -5.73 5.39 -32.90
N ASP A 219 -4.42 5.47 -33.25
CA ASP A 219 -3.66 4.38 -33.93
C ASP A 219 -3.67 3.04 -33.16
N ALA A 220 -3.39 3.07 -31.86
CA ALA A 220 -3.46 1.82 -31.07
C ALA A 220 -4.85 1.18 -31.14
N LEU A 221 -5.92 2.00 -31.22
CA LEU A 221 -7.30 1.44 -31.23
C LEU A 221 -7.59 0.66 -32.51
N VAL A 222 -7.02 1.08 -33.63
CA VAL A 222 -7.12 0.29 -34.88
C VAL A 222 -6.41 -1.09 -34.72
N LEU A 223 -5.41 -1.17 -33.85
CA LEU A 223 -4.79 -2.44 -33.49
C LEU A 223 -5.53 -3.17 -32.36
N GLY A 224 -6.78 -2.80 -32.07
CA GLY A 224 -7.56 -3.38 -30.97
C GLY A 224 -7.19 -2.98 -29.52
N MET A 225 -6.40 -1.93 -29.35
CA MET A 225 -5.86 -1.61 -28.03
C MET A 225 -6.65 -0.47 -27.39
N GLU A 226 -7.43 -0.78 -26.36
CA GLU A 226 -8.25 0.29 -25.78
C GLU A 226 -7.30 1.26 -25.03
N LYS A 227 -7.36 2.57 -25.29
CA LYS A 227 -6.60 3.57 -24.54
C LYS A 227 -6.59 3.35 -23.03
N GLU A 228 -7.75 3.04 -22.45
CA GLU A 228 -7.91 2.79 -21.02
C GLU A 228 -7.02 1.64 -20.46
N ALA A 229 -7.01 0.50 -21.14
CA ALA A 229 -6.18 -0.63 -20.78
C ALA A 229 -4.64 -0.27 -20.76
N LEU A 230 -4.18 0.45 -21.78
CA LEU A 230 -2.85 1.01 -21.81
C LEU A 230 -2.61 1.91 -20.61
N MET A 231 -3.57 2.74 -20.25
CA MET A 231 -3.33 3.70 -19.18
C MET A 231 -3.21 2.98 -17.85
N GLU A 232 -4.10 2.01 -17.65
CA GLU A 232 -4.15 1.25 -16.42
C GLU A 232 -2.85 0.48 -16.22
N ASP A 233 -2.49 -0.33 -17.20
CA ASP A 233 -1.29 -1.16 -17.11
C ASP A 233 -0.02 -0.36 -16.83
N PHE A 234 0.18 0.70 -17.57
CA PHE A 234 1.27 1.66 -17.36
C PHE A 234 1.36 2.26 -15.95
N THR A 235 0.21 2.71 -15.49
CA THR A 235 0.01 3.33 -14.18
C THR A 235 0.30 2.36 -13.06
N ILE A 236 -0.05 1.09 -13.25
CA ILE A 236 0.12 0.01 -12.28
C ILE A 236 1.63 -0.30 -12.27
N ALA A 237 2.17 -0.88 -13.33
CA ALA A 237 3.63 -1.00 -13.51
C ALA A 237 4.46 0.19 -12.98
N TYR A 238 4.13 1.39 -13.37
CA TYR A 238 4.98 2.53 -12.94
C TYR A 238 4.81 2.88 -11.47
N GLN A 239 3.56 2.88 -10.98
CA GLN A 239 3.28 3.03 -9.57
C GLN A 239 3.98 2.02 -8.63
N GLU A 240 3.95 0.75 -9.05
CA GLU A 240 4.52 -0.33 -8.29
C GLU A 240 6.06 -0.34 -8.42
N ALA A 241 6.60 0.09 -9.56
CA ALA A 241 8.03 0.33 -9.63
C ALA A 241 8.43 1.45 -8.64
N LEU A 242 7.68 2.55 -8.57
CA LEU A 242 8.06 3.64 -7.67
C LEU A 242 7.91 3.27 -6.21
N GLN A 243 6.87 2.53 -5.87
CA GLN A 243 6.70 2.10 -4.50
C GLN A 243 7.83 1.16 -4.14
N ASN A 244 8.07 0.17 -4.98
CA ASN A 244 9.17 -0.78 -4.76
C ASN A 244 10.56 -0.13 -4.45
N ILE A 245 10.90 0.95 -5.15
CA ILE A 245 12.20 1.58 -4.96
C ILE A 245 12.22 2.42 -3.70
N GLY A 246 11.03 2.72 -3.13
CA GLY A 246 10.88 3.28 -1.77
C GLY A 246 9.89 4.38 -1.40
N PHE A 247 9.17 4.94 -2.36
CA PHE A 247 8.14 5.93 -2.05
C PHE A 247 6.94 5.24 -1.38
N SER A 248 6.30 5.93 -0.44
CA SER A 248 4.97 5.49 0.05
C SER A 248 4.01 5.49 -1.10
N THR A 249 2.92 4.74 -0.95
CA THR A 249 1.76 4.87 -1.85
C THR A 249 1.40 6.32 -1.97
N ARG A 250 1.14 6.95 -0.85
CA ARG A 250 0.81 8.38 -0.86
C ARG A 250 1.76 9.15 -1.75
N GLU A 251 3.08 9.01 -1.55
CA GLU A 251 4.05 9.70 -2.40
C GLU A 251 3.88 9.33 -3.87
N THR A 252 3.70 8.05 -4.20
CA THR A 252 3.48 7.69 -5.62
C THR A 252 2.32 8.45 -6.28
N LEU A 253 1.20 8.49 -5.58
CA LEU A 253 0.02 9.20 -6.09
C LEU A 253 0.28 10.69 -6.38
N ARG A 254 0.99 11.33 -5.47
CA ARG A 254 1.48 12.70 -5.61
C ARG A 254 2.33 12.81 -6.91
N MET A 255 3.19 11.81 -7.13
CA MET A 255 4.01 11.76 -8.35
C MET A 255 3.23 11.49 -9.61
N LEU A 256 2.22 10.66 -9.56
CA LEU A 256 1.53 10.32 -10.82
C LEU A 256 0.63 11.47 -11.27
N THR A 257 0.14 12.21 -10.30
CA THR A 257 -0.71 13.34 -10.51
C THR A 257 0.13 14.48 -11.07
N ALA A 258 1.34 14.64 -10.58
CA ALA A 258 2.29 15.63 -11.15
C ALA A 258 2.54 15.46 -12.66
N GLY A 259 2.47 14.23 -13.15
CA GLY A 259 2.48 13.97 -14.57
C GLY A 259 1.29 14.56 -15.27
N LEU A 260 0.08 14.21 -14.85
CA LEU A 260 -1.11 14.89 -15.38
C LEU A 260 -1.11 16.41 -15.03
N ALA A 261 -0.91 17.26 -16.04
CA ALA A 261 -0.47 18.66 -15.87
C ALA A 261 1.05 18.62 -15.67
N ALA A 262 1.87 18.57 -16.72
CA ALA A 262 1.47 18.73 -18.14
C ALA A 262 1.24 17.40 -18.90
N ILE B 42 -1.20 38.67 -2.65
CA ILE B 42 -2.36 38.87 -3.55
C ILE B 42 -3.17 40.11 -3.09
N ASP B 43 -3.60 40.92 -4.07
CA ASP B 43 -4.52 42.03 -3.86
C ASP B 43 -5.96 41.49 -3.94
N TYR B 44 -6.59 41.40 -2.77
CA TYR B 44 -7.95 40.89 -2.62
C TYR B 44 -9.01 41.89 -3.02
N GLN B 45 -8.64 43.17 -3.15
CA GLN B 45 -9.58 44.21 -3.53
C GLN B 45 -9.68 44.32 -5.04
N SER B 46 -8.75 43.68 -5.77
CA SER B 46 -8.72 43.78 -7.25
C SER B 46 -10.00 43.24 -7.90
N GLU B 47 -10.23 43.66 -9.13
CA GLU B 47 -11.41 43.27 -9.90
C GLU B 47 -11.30 41.82 -10.35
N THR B 48 -10.08 41.40 -10.68
CA THR B 48 -9.78 40.07 -11.21
C THR B 48 -10.06 39.09 -10.10
N TYR B 49 -9.53 39.38 -8.90
CA TYR B 49 -9.73 38.51 -7.74
C TYR B 49 -11.23 38.33 -7.44
N LYS B 50 -11.93 39.45 -7.33
CA LYS B 50 -13.34 39.46 -6.99
C LYS B 50 -14.20 38.70 -7.98
N ASP B 51 -13.89 38.90 -9.23
CA ASP B 51 -14.59 38.27 -10.31
C ASP B 51 -14.44 36.74 -10.24
N ALA B 52 -13.22 36.25 -9.96
CA ALA B 52 -12.95 34.78 -9.75
C ALA B 52 -13.59 34.26 -8.47
N TYR B 53 -13.43 35.04 -7.39
CA TYR B 53 -13.86 34.68 -6.06
C TYR B 53 -15.36 34.46 -6.08
N SER B 54 -16.09 35.33 -6.78
CA SER B 54 -17.52 35.23 -6.96
C SER B 54 -17.97 33.86 -7.49
N ARG B 55 -17.12 33.18 -8.26
CA ARG B 55 -17.48 31.86 -8.79
C ARG B 55 -17.00 30.70 -7.91
N ILE B 56 -15.79 30.78 -7.37
CA ILE B 56 -15.29 29.72 -6.49
C ILE B 56 -16.12 29.76 -5.19
N ASN B 57 -16.31 30.95 -4.63
CA ASN B 57 -17.12 31.13 -3.43
C ASN B 57 -18.56 30.66 -3.61
N ALA B 58 -19.07 30.71 -4.82
CA ALA B 58 -20.41 30.24 -5.10
C ALA B 58 -20.44 28.74 -5.20
N ILE B 59 -19.34 28.19 -5.69
CA ILE B 59 -19.19 26.74 -5.83
C ILE B 59 -19.17 26.12 -4.43
N VAL B 60 -18.49 26.83 -3.54
CA VAL B 60 -18.24 26.34 -2.19
C VAL B 60 -19.59 26.40 -1.49
N ILE B 61 -20.26 27.54 -1.56
CA ILE B 61 -21.60 27.68 -0.99
C ILE B 61 -22.53 26.64 -1.58
N GLU B 62 -22.57 26.54 -2.90
CA GLU B 62 -23.55 25.62 -3.52
C GLU B 62 -23.21 24.17 -3.18
N GLY B 63 -21.93 23.85 -3.09
CA GLY B 63 -21.48 22.52 -2.66
C GLY B 63 -22.06 22.07 -1.32
N GLU B 64 -21.88 22.89 -0.28
CA GLU B 64 -22.41 22.66 1.05
C GLU B 64 -23.97 22.61 1.02
N ASP B 65 -24.60 23.46 0.24
CA ASP B 65 -26.07 23.43 0.06
C ASP B 65 -26.49 22.06 -0.48
N GLU B 66 -25.86 21.60 -1.56
CA GLU B 66 -26.15 20.28 -2.10
C GLU B 66 -25.77 19.14 -1.13
N ALA B 67 -24.68 19.33 -0.38
CA ALA B 67 -24.24 18.36 0.64
C ALA B 67 -25.31 18.16 1.72
N ALA B 68 -25.82 19.25 2.26
CA ALA B 68 -26.89 19.22 3.25
C ALA B 68 -28.09 18.47 2.69
N ASN B 69 -28.59 18.90 1.55
CA ASN B 69 -29.75 18.21 0.96
C ASN B 69 -29.45 16.79 0.50
N ASN B 70 -28.18 16.46 0.19
CA ASN B 70 -27.85 15.04 -0.03
C ASN B 70 -27.88 14.13 1.21
N TYR B 71 -27.49 14.68 2.34
CA TYR B 71 -27.50 13.92 3.59
C TYR B 71 -28.95 13.80 4.08
N VAL B 72 -29.74 14.85 3.87
CA VAL B 72 -31.16 14.84 4.20
C VAL B 72 -31.86 13.76 3.39
N ARG B 73 -31.61 13.68 2.10
CA ARG B 73 -32.19 12.60 1.30
C ARG B 73 -31.61 11.25 1.68
N LEU B 74 -30.38 11.26 2.16
CA LEU B 74 -29.69 10.02 2.49
C LEU B 74 -30.31 9.41 3.72
N ALA B 75 -30.57 10.27 4.69
CA ALA B 75 -31.37 9.95 5.88
C ALA B 75 -32.79 9.35 5.62
N GLU B 76 -33.44 9.77 4.56
CA GLU B 76 -34.67 9.11 4.13
C GLU B 76 -34.43 7.70 3.62
N LEU B 77 -33.30 7.47 2.97
CA LEU B 77 -33.02 6.17 2.35
C LEU B 77 -32.34 5.21 3.29
N MET B 78 -31.76 5.75 4.35
CA MET B 78 -30.98 5.00 5.35
C MET B 78 -31.44 5.44 6.72
N PRO B 79 -32.71 5.15 7.01
CA PRO B 79 -33.31 5.69 8.21
C PRO B 79 -32.68 5.15 9.45
N GLU B 80 -32.08 3.96 9.38
CA GLU B 80 -31.34 3.47 10.53
C GLU B 80 -30.20 4.41 10.91
N GLN B 81 -29.59 5.15 9.96
CA GLN B 81 -28.43 6.01 10.35
C GLN B 81 -28.72 7.50 10.29
N SER B 82 -30.02 7.80 10.21
CA SER B 82 -30.55 9.17 10.12
C SER B 82 -30.12 10.01 11.30
N GLU B 83 -29.92 9.38 12.45
CA GLU B 83 -29.41 10.06 13.62
C GLU B 83 -28.09 10.80 13.23
N GLU B 84 -27.23 10.04 12.56
CA GLU B 84 -25.88 10.46 12.17
C GLU B 84 -25.95 11.43 10.94
N LEU B 85 -26.80 11.12 9.98
CA LEU B 85 -26.89 11.92 8.76
C LEU B 85 -27.43 13.33 8.99
N ALA B 86 -28.33 13.51 9.92
CA ALA B 86 -28.90 14.82 10.18
C ALA B 86 -27.90 15.80 10.81
N SER B 87 -27.06 15.32 11.72
CA SER B 87 -26.01 16.16 12.34
C SER B 87 -24.92 16.61 11.34
N LEU B 88 -24.72 15.77 10.33
CA LEU B 88 -23.85 16.06 9.20
C LEU B 88 -24.47 17.18 8.34
N ALA B 89 -25.77 17.06 8.04
CA ALA B 89 -26.47 18.05 7.29
C ALA B 89 -26.37 19.40 8.00
N LYS B 90 -26.54 19.41 9.30
CA LYS B 90 -26.57 20.66 10.06
C LYS B 90 -25.20 21.26 10.09
N MET B 91 -24.18 20.41 10.14
CA MET B 91 -22.81 20.83 9.90
C MET B 91 -22.60 21.53 8.51
N GLU B 92 -23.00 20.86 7.41
CA GLU B 92 -22.92 21.47 6.09
C GLU B 92 -23.65 22.84 5.94
N ALA B 93 -24.86 22.96 6.49
CA ALA B 93 -25.60 24.22 6.46
C ALA B 93 -24.89 25.36 7.19
N ARG B 94 -24.40 25.08 8.41
CA ARG B 94 -23.51 25.98 9.19
C ARG B 94 -22.20 26.34 8.46
N HIS B 95 -21.73 25.44 7.60
CA HIS B 95 -20.61 25.75 6.68
C HIS B 95 -20.97 26.67 5.53
N LYS B 96 -22.16 26.52 4.99
CA LYS B 96 -22.66 27.45 3.99
C LYS B 96 -22.71 28.88 4.59
N LYS B 97 -23.29 29.06 5.80
CA LYS B 97 -23.25 30.32 6.53
C LYS B 97 -21.80 30.83 6.61
N GLY B 98 -20.83 29.99 6.95
CA GLY B 98 -19.45 30.46 7.01
C GLY B 98 -18.92 31.01 5.68
N PHE B 99 -19.17 30.27 4.63
CA PHE B 99 -18.64 30.59 3.33
C PHE B 99 -19.32 31.79 2.70
N THR B 100 -20.64 31.88 2.87
CA THR B 100 -21.42 33.08 2.52
C THR B 100 -20.85 34.33 3.17
N ALA B 101 -20.44 34.23 4.41
CA ALA B 101 -19.76 35.34 5.04
C ALA B 101 -18.42 35.73 4.34
N CYS B 102 -17.74 34.75 3.76
CA CYS B 102 -16.38 35.02 3.23
C CYS B 102 -16.44 35.91 2.01
N GLY B 103 -17.53 35.75 1.24
CA GLY B 103 -17.82 36.55 0.05
C GLY B 103 -18.17 37.96 0.48
N LYS B 104 -19.34 38.12 1.08
CA LYS B 104 -19.70 39.35 1.81
C LYS B 104 -18.53 40.08 2.47
N ASN B 105 -17.57 39.38 3.05
CA ASN B 105 -16.36 40.01 3.63
C ASN B 105 -15.45 40.68 2.60
N LEU B 106 -15.44 40.11 1.41
CA LEU B 106 -14.66 40.60 0.29
C LEU B 106 -15.42 41.51 -0.71
N ASN B 107 -16.70 41.80 -0.41
CA ASN B 107 -17.64 42.57 -1.25
C ASN B 107 -17.87 41.92 -2.58
N VAL B 108 -18.00 40.61 -2.52
CA VAL B 108 -18.35 39.79 -3.66
C VAL B 108 -19.77 39.20 -3.45
N THR B 109 -20.56 39.24 -4.51
CA THR B 109 -21.81 38.53 -4.63
C THR B 109 -21.48 37.22 -5.30
N PRO B 110 -22.02 36.09 -4.81
CA PRO B 110 -21.73 34.83 -5.47
C PRO B 110 -22.51 34.57 -6.76
N ASP B 111 -21.85 34.02 -7.76
CA ASP B 111 -22.47 33.60 -9.03
C ASP B 111 -23.11 32.24 -8.86
N MET B 112 -24.31 32.23 -8.27
CA MET B 112 -24.98 30.98 -7.97
C MET B 112 -25.33 30.15 -9.19
N ASP B 113 -25.67 30.81 -10.28
CA ASP B 113 -26.14 30.10 -11.48
C ASP B 113 -24.98 29.30 -12.06
N PHE B 114 -23.79 29.90 -12.01
CA PHE B 114 -22.57 29.21 -12.39
C PHE B 114 -22.35 27.95 -11.54
N ALA B 115 -22.52 28.12 -10.25
CA ALA B 115 -22.43 27.01 -9.31
C ALA B 115 -23.44 25.89 -9.56
N LYS B 116 -24.73 26.17 -9.69
CA LYS B 116 -25.71 25.07 -9.87
C LYS B 116 -25.38 24.25 -11.11
N LYS B 117 -24.94 24.97 -12.13
CA LYS B 117 -24.62 24.40 -13.41
C LYS B 117 -23.36 23.53 -13.31
N PHE B 118 -22.35 24.08 -12.65
CA PHE B 118 -21.13 23.33 -12.27
C PHE B 118 -21.42 21.94 -11.68
N PHE B 119 -22.32 21.91 -10.70
CA PHE B 119 -22.70 20.66 -10.02
C PHE B 119 -23.77 19.78 -10.70
N SER B 120 -24.35 20.28 -11.76
CA SER B 120 -25.56 19.72 -12.33
C SER B 120 -25.46 18.28 -12.74
N ASP B 121 -24.34 17.87 -13.30
CA ASP B 121 -24.21 16.45 -13.68
C ASP B 121 -24.08 15.57 -12.42
N LEU B 122 -23.27 15.98 -11.44
CA LEU B 122 -23.15 15.19 -10.21
C LEU B 122 -24.44 15.10 -9.47
N HIS B 123 -25.08 16.27 -9.35
CA HIS B 123 -26.37 16.44 -8.71
C HIS B 123 -27.39 15.58 -9.40
N GLY B 124 -27.33 15.59 -10.75
CA GLY B 124 -28.18 14.79 -11.62
C GLY B 124 -28.02 13.32 -11.35
N ASN B 125 -26.79 12.81 -11.40
CA ASN B 125 -26.50 11.38 -11.06
C ASN B 125 -26.90 11.00 -9.66
N PHE B 126 -26.74 11.89 -8.70
CA PHE B 126 -27.10 11.62 -7.35
C PHE B 126 -28.62 11.35 -7.24
N GLN B 127 -29.43 12.21 -7.87
CA GLN B 127 -30.90 12.08 -7.83
C GLN B 127 -31.32 10.73 -8.34
N VAL B 128 -30.88 10.44 -9.56
CA VAL B 128 -31.25 9.21 -10.26
C VAL B 128 -30.96 7.99 -9.42
N ALA B 129 -29.84 8.02 -8.70
CA ALA B 129 -29.53 6.98 -7.73
C ALA B 129 -30.54 7.00 -6.59
N ALA B 130 -30.78 8.17 -6.01
CA ALA B 130 -31.70 8.30 -4.89
C ALA B 130 -33.12 7.76 -5.25
N ALA B 131 -33.67 8.26 -6.34
CA ALA B 131 -34.89 7.69 -6.95
C ALA B 131 -34.87 6.14 -6.96
N ALA B 132 -33.81 5.55 -7.50
CA ALA B 132 -33.75 4.10 -7.70
C ALA B 132 -33.39 3.30 -6.42
N GLY B 133 -33.30 3.97 -5.26
CA GLY B 133 -32.82 3.32 -4.01
C GLY B 133 -31.32 2.98 -3.91
N ASN B 134 -30.54 3.38 -4.92
CA ASN B 134 -29.15 2.93 -5.12
C ASN B 134 -28.18 3.67 -4.17
N ILE B 135 -28.18 3.19 -2.95
CA ILE B 135 -27.60 3.91 -1.84
C ILE B 135 -26.06 4.01 -1.85
N VAL B 136 -25.44 3.06 -2.54
CA VAL B 136 -24.01 3.03 -2.67
C VAL B 136 -23.58 4.12 -3.61
N THR B 137 -24.22 4.23 -4.77
CA THR B 137 -23.90 5.27 -5.71
C THR B 137 -24.01 6.62 -5.01
N CYS B 138 -25.05 6.83 -4.22
CA CYS B 138 -25.21 8.09 -3.48
C CYS B 138 -24.08 8.38 -2.58
N LEU B 139 -23.63 7.31 -1.89
CA LEU B 139 -22.58 7.42 -0.86
C LEU B 139 -21.18 7.73 -1.48
N LEU B 140 -20.89 7.05 -2.57
CA LEU B 140 -19.75 7.32 -3.37
C LEU B 140 -19.77 8.77 -3.80
N ILE B 141 -20.92 9.23 -4.25
CA ILE B 141 -20.93 10.56 -4.80
C ILE B 141 -20.69 11.57 -3.71
N GLN B 142 -21.47 11.53 -2.65
CA GLN B 142 -21.43 12.61 -1.65
C GLN B 142 -20.37 12.38 -0.61
N ALA B 143 -20.26 11.15 -0.10
CA ALA B 143 -19.41 11.01 1.07
C ALA B 143 -17.93 10.82 0.74
N LEU B 144 -17.57 10.52 -0.50
CA LEU B 144 -16.17 10.26 -0.92
C LEU B 144 -15.68 11.31 -1.93
N ILE B 145 -16.34 11.36 -3.07
CA ILE B 145 -15.98 12.25 -4.16
C ILE B 145 -16.06 13.73 -3.79
N ILE B 146 -17.25 14.18 -3.48
CA ILE B 146 -17.46 15.61 -3.18
C ILE B 146 -16.68 16.02 -1.95
N GLU B 147 -16.69 15.13 -0.95
CA GLU B 147 -16.04 15.45 0.31
C GLU B 147 -14.51 15.52 0.05
N ALA B 148 -13.93 14.60 -0.71
CA ALA B 148 -12.50 14.70 -1.05
C ALA B 148 -12.21 15.98 -1.80
N PHE B 149 -13.04 16.24 -2.82
CA PHE B 149 -12.91 17.40 -3.67
C PHE B 149 -12.98 18.61 -2.74
N ALA B 150 -14.02 18.70 -1.92
CA ALA B 150 -14.23 19.88 -1.09
C ALA B 150 -13.07 20.03 -0.10
N ILE B 151 -12.64 18.94 0.51
CA ILE B 151 -11.50 18.97 1.46
C ILE B 151 -10.17 19.39 0.82
N SER B 152 -9.93 18.94 -0.41
CA SER B 152 -8.79 19.41 -1.20
C SER B 152 -8.86 20.90 -1.36
N ALA B 153 -10.00 21.36 -1.87
CA ALA B 153 -10.10 22.72 -2.30
C ALA B 153 -9.93 23.66 -1.11
N TYR B 154 -10.36 23.20 0.07
CA TYR B 154 -10.25 23.99 1.28
C TYR B 154 -8.82 24.07 1.73
N ASN B 155 -8.14 22.93 1.79
CA ASN B 155 -6.75 22.90 2.27
C ASN B 155 -5.81 23.59 1.35
N VAL B 156 -6.10 23.59 0.06
CA VAL B 156 -5.29 24.29 -0.92
C VAL B 156 -5.49 25.81 -0.90
N TYR B 157 -6.71 26.24 -0.57
CA TYR B 157 -7.07 27.67 -0.39
C TYR B 157 -6.53 28.30 0.87
N ILE B 158 -6.49 27.51 1.95
CA ILE B 158 -6.15 28.03 3.24
C ILE B 158 -4.90 28.91 3.19
N PRO B 159 -3.74 28.41 2.72
CA PRO B 159 -2.53 29.26 2.77
C PRO B 159 -2.57 30.52 1.91
N HIS B 160 -3.54 30.63 1.03
CA HIS B 160 -3.68 31.78 0.18
C HIS B 160 -4.81 32.74 0.58
N ALA B 161 -5.52 32.48 1.67
CA ALA B 161 -6.79 33.18 1.93
C ALA B 161 -6.60 34.41 2.84
N ASP B 162 -7.40 35.44 2.61
CA ASP B 162 -7.41 36.63 3.47
C ASP B 162 -7.66 36.22 4.93
N ASP B 163 -7.17 36.97 5.90
CA ASP B 163 -7.24 36.56 7.33
C ASP B 163 -8.59 36.03 7.83
N PHE B 164 -9.67 36.70 7.44
CA PHE B 164 -11.00 36.27 7.79
C PHE B 164 -11.45 34.91 7.18
N ALA B 165 -11.24 34.72 5.88
CA ALA B 165 -11.66 33.46 5.22
C ALA B 165 -10.85 32.25 5.71
N ARG B 166 -9.58 32.49 6.04
CA ARG B 166 -8.63 31.50 6.50
C ARG B 166 -9.16 30.89 7.78
N LYS B 167 -9.43 31.71 8.79
CA LYS B 167 -9.91 31.21 10.07
C LYS B 167 -11.20 30.39 9.83
N ILE B 168 -12.11 30.89 8.99
CA ILE B 168 -13.36 30.18 8.73
C ILE B 168 -13.18 28.79 8.07
N THR B 169 -12.37 28.73 7.02
CA THR B 169 -12.12 27.51 6.26
C THR B 169 -11.33 26.52 7.15
N GLU B 170 -10.39 27.03 7.96
CA GLU B 170 -9.61 26.20 8.92
C GLU B 170 -10.62 25.50 9.82
N ASN B 171 -11.52 26.25 10.44
CA ASN B 171 -12.67 25.64 11.11
C ASN B 171 -13.46 24.70 10.24
N VAL B 172 -13.91 25.12 9.07
CA VAL B 172 -14.65 24.17 8.23
C VAL B 172 -13.90 22.85 7.98
N VAL B 173 -12.61 22.91 7.71
CA VAL B 173 -11.81 21.71 7.54
C VAL B 173 -11.76 20.88 8.84
N LYS B 174 -11.41 21.54 9.94
CA LYS B 174 -11.30 20.91 11.26
C LYS B 174 -12.59 20.13 11.49
N ASP B 175 -13.73 20.81 11.40
CA ASP B 175 -15.07 20.20 11.46
C ASP B 175 -15.19 18.98 10.56
N GLU B 176 -15.03 19.14 9.26
CA GLU B 176 -15.43 18.05 8.36
C GLU B 176 -14.69 16.73 8.66
N TYR B 177 -13.49 16.80 9.23
CA TYR B 177 -12.87 15.55 9.72
C TYR B 177 -12.37 15.48 11.21
N LEU B 178 -13.29 15.90 12.07
CA LEU B 178 -13.47 15.41 13.45
C LEU B 178 -14.71 14.49 13.50
N HIS B 179 -15.71 14.80 12.66
N HIS B 179 -17.52 13.74 8.17
CA HIS B 179 -16.80 13.90 12.33
CA HIS B 179 -17.82 13.26 6.78
C HIS B 179 -16.32 12.91 11.29
C HIS B 179 -16.47 12.92 6.14
N LEU B 180 -16.39 11.61 11.59
CA LEU B 180 -15.87 10.52 10.70
C LEU B 180 -16.63 10.43 9.36
N ASN B 181 -15.90 10.05 8.30
CA ASN B 181 -16.54 9.71 7.04
C ASN B 181 -17.54 8.57 7.23
N PHE B 182 -18.76 8.98 7.40
CA PHE B 182 -19.85 8.11 7.70
C PHE B 182 -20.06 7.20 6.51
N GLY B 183 -19.99 7.74 5.30
CA GLY B 183 -20.20 6.96 4.10
C GLY B 183 -19.10 5.95 3.86
N GLU B 184 -17.91 6.24 4.37
CA GLU B 184 -16.74 5.42 4.23
C GLU B 184 -16.80 4.28 5.25
N GLN B 185 -16.96 4.61 6.54
CA GLN B 185 -17.29 3.58 7.56
C GLN B 185 -18.39 2.63 7.07
N TRP B 186 -19.43 3.17 6.43
CA TRP B 186 -20.58 2.38 6.00
C TRP B 186 -20.24 1.49 4.83
N LEU B 187 -19.41 2.01 3.96
CA LEU B 187 -19.04 1.30 2.78
C LEU B 187 -18.04 0.20 3.09
N LYS B 188 -17.09 0.51 3.95
CA LYS B 188 -16.17 -0.48 4.48
C LYS B 188 -16.93 -1.67 5.11
N ALA B 189 -17.79 -1.37 6.09
CA ALA B 189 -18.65 -2.40 6.73
C ALA B 189 -19.40 -3.35 5.78
N ASN B 190 -19.75 -2.84 4.61
CA ASN B 190 -20.69 -3.47 3.70
C ASN B 190 -20.09 -3.68 2.34
N PHE B 191 -18.78 -3.87 2.34
CA PHE B 191 -17.97 -3.76 1.13
C PHE B 191 -18.20 -4.84 0.06
N GLU B 192 -18.17 -6.11 0.40
CA GLU B 192 -18.27 -7.16 -0.64
C GLU B 192 -19.57 -7.00 -1.43
N SER B 193 -20.65 -6.69 -0.73
CA SER B 193 -21.94 -6.34 -1.34
C SER B 193 -22.02 -4.99 -2.15
N ALA B 194 -21.26 -3.96 -1.77
CA ALA B 194 -21.16 -2.72 -2.56
C ALA B 194 -20.20 -2.79 -3.77
N LYS B 195 -19.15 -3.59 -3.66
CA LYS B 195 -17.96 -3.50 -4.53
C LYS B 195 -18.25 -3.16 -5.96
N ASP B 196 -19.10 -3.95 -6.62
CA ASP B 196 -19.36 -3.76 -8.04
C ASP B 196 -20.07 -2.45 -8.35
N GLU B 197 -21.06 -2.06 -7.54
CA GLU B 197 -21.73 -0.75 -7.71
C GLU B 197 -20.76 0.41 -7.52
N LEU B 198 -19.87 0.27 -6.54
CA LEU B 198 -18.82 1.25 -6.27
C LEU B 198 -17.95 1.51 -7.49
N GLU B 199 -17.70 0.44 -8.25
CA GLU B 199 -16.93 0.49 -9.47
C GLU B 199 -17.65 1.14 -10.65
N ARG B 200 -18.94 0.86 -10.79
CA ARG B 200 -19.73 1.47 -11.89
C ARG B 200 -19.95 2.94 -11.53
N ALA B 201 -20.32 3.20 -10.28
CA ALA B 201 -20.50 4.61 -9.81
C ALA B 201 -19.23 5.45 -10.00
N ASN B 202 -18.07 4.80 -9.78
CA ASN B 202 -16.77 5.48 -9.92
C ASN B 202 -16.48 5.99 -11.31
N ARG B 203 -16.64 5.11 -12.30
CA ARG B 203 -16.52 5.46 -13.73
C ARG B 203 -17.41 6.65 -14.11
N GLU B 204 -18.73 6.46 -14.01
CA GLU B 204 -19.78 7.48 -14.18
C GLU B 204 -19.28 8.81 -13.63
N ASN B 205 -18.85 8.81 -12.35
CA ASN B 205 -18.74 10.05 -11.54
C ASN B 205 -17.35 10.66 -11.28
N LEU B 206 -16.30 9.85 -11.17
CA LEU B 206 -14.93 10.41 -11.12
C LEU B 206 -14.68 11.30 -12.35
N ALA B 207 -14.98 10.75 -13.52
CA ALA B 207 -14.88 11.47 -14.82
C ALA B 207 -15.37 12.89 -14.75
N ILE B 208 -16.51 13.06 -14.10
CA ILE B 208 -17.17 14.34 -14.04
C ILE B 208 -16.35 15.29 -13.17
N VAL B 209 -15.86 14.76 -12.06
CA VAL B 209 -15.08 15.53 -11.13
C VAL B 209 -13.79 16.01 -11.72
N TRP B 210 -13.22 15.27 -12.64
CA TRP B 210 -12.05 15.78 -13.38
C TRP B 210 -12.46 16.90 -14.34
N ARG B 211 -13.66 16.79 -14.91
CA ARG B 211 -14.20 17.82 -15.78
C ARG B 211 -14.43 19.07 -14.96
N MET B 212 -14.93 18.87 -13.75
CA MET B 212 -15.18 19.97 -12.84
C MET B 212 -13.89 20.62 -12.44
N LEU B 213 -12.91 19.81 -12.12
CA LEU B 213 -11.61 20.37 -11.82
C LEU B 213 -11.03 21.21 -12.95
N ASP B 214 -11.17 20.74 -14.19
CA ASP B 214 -10.64 21.46 -15.32
C ASP B 214 -11.34 22.81 -15.57
N GLU B 215 -12.67 22.86 -15.35
CA GLU B 215 -13.47 24.09 -15.49
C GLU B 215 -13.13 25.20 -14.44
N VAL B 216 -12.68 24.83 -13.24
CA VAL B 216 -12.30 25.84 -12.23
C VAL B 216 -10.82 26.20 -12.19
N ALA B 217 -9.93 25.40 -12.82
CA ALA B 217 -8.45 25.62 -12.69
C ALA B 217 -8.10 27.09 -12.83
N GLY B 218 -8.61 27.75 -13.88
CA GLY B 218 -8.34 29.18 -14.13
C GLY B 218 -8.69 30.14 -12.99
N ASP B 219 -9.95 30.09 -12.52
CA ASP B 219 -10.39 30.95 -11.39
C ASP B 219 -9.60 30.70 -10.07
N ALA B 220 -9.33 29.42 -9.79
CA ALA B 220 -8.59 29.03 -8.60
C ALA B 220 -7.16 29.55 -8.59
N LEU B 221 -6.52 29.58 -9.78
CA LEU B 221 -5.15 30.17 -9.91
C LEU B 221 -5.17 31.65 -9.63
N VAL B 222 -6.22 32.33 -10.05
CA VAL B 222 -6.39 33.72 -9.63
C VAL B 222 -6.32 33.86 -8.09
N LEU B 223 -6.98 32.93 -7.40
CA LEU B 223 -6.95 32.80 -5.93
C LEU B 223 -5.66 32.28 -5.29
N GLY B 224 -4.65 31.96 -6.11
CA GLY B 224 -3.36 31.47 -5.62
C GLY B 224 -3.35 29.97 -5.52
N MET B 225 -4.40 29.28 -5.92
CA MET B 225 -4.48 27.85 -5.73
C MET B 225 -4.00 27.14 -6.98
N GLU B 226 -2.96 26.34 -6.83
CA GLU B 226 -2.36 25.66 -7.99
C GLU B 226 -3.20 24.45 -8.45
N LYS B 227 -3.46 24.28 -9.75
CA LYS B 227 -4.20 23.12 -10.24
C LYS B 227 -3.69 21.78 -9.80
N GLU B 228 -2.40 21.62 -9.90
CA GLU B 228 -1.77 20.39 -9.50
C GLU B 228 -2.09 20.06 -8.04
N ALA B 229 -2.06 21.05 -7.17
CA ALA B 229 -2.28 20.79 -5.74
C ALA B 229 -3.75 20.36 -5.48
N LEU B 230 -4.70 20.88 -6.28
CA LEU B 230 -6.07 20.48 -6.15
C LEU B 230 -6.18 19.05 -6.58
N MET B 231 -5.30 18.65 -7.53
CA MET B 231 -5.37 17.25 -8.09
C MET B 231 -4.67 16.26 -7.17
N GLU B 232 -3.61 16.70 -6.49
CA GLU B 232 -2.89 15.84 -5.58
C GLU B 232 -3.91 15.50 -4.52
N ASP B 233 -4.29 16.55 -3.79
CA ASP B 233 -4.99 16.43 -2.59
C ASP B 233 -6.30 15.69 -2.81
N PHE B 234 -7.04 15.92 -3.91
CA PHE B 234 -8.24 15.07 -4.17
C PHE B 234 -7.86 13.60 -4.44
N THR B 235 -6.74 13.35 -5.13
CA THR B 235 -6.35 11.97 -5.50
C THR B 235 -5.89 11.21 -4.24
N ILE B 236 -5.22 11.91 -3.34
CA ILE B 236 -4.79 11.31 -2.09
C ILE B 236 -6.01 10.92 -1.21
N ALA B 237 -6.96 11.82 -1.03
CA ALA B 237 -8.16 11.53 -0.25
C ALA B 237 -9.06 10.46 -0.84
N TYR B 238 -9.27 10.46 -2.15
CA TYR B 238 -10.21 9.52 -2.76
C TYR B 238 -9.56 8.14 -2.74
N GLN B 239 -8.26 8.07 -3.12
CA GLN B 239 -7.55 6.81 -3.19
C GLN B 239 -7.48 6.11 -1.85
N GLU B 240 -7.20 6.88 -0.82
CA GLU B 240 -7.10 6.36 0.50
C GLU B 240 -8.53 6.03 1.04
N ALA B 241 -9.55 6.82 0.69
CA ALA B 241 -10.90 6.42 1.09
C ALA B 241 -11.21 5.05 0.44
N LEU B 242 -10.82 4.87 -0.83
CA LEU B 242 -11.14 3.63 -1.57
C LEU B 242 -10.41 2.40 -1.03
N GLN B 243 -9.18 2.62 -0.61
CA GLN B 243 -8.36 1.55 -0.12
C GLN B 243 -8.84 1.15 1.28
N ASN B 244 -9.08 2.15 2.11
CA ASN B 244 -9.62 1.90 3.39
C ASN B 244 -11.01 1.18 3.34
N ILE B 245 -11.85 1.45 2.36
CA ILE B 245 -13.10 0.70 2.27
C ILE B 245 -12.89 -0.74 1.70
N GLY B 246 -11.74 -1.06 1.13
CA GLY B 246 -11.42 -2.47 0.85
C GLY B 246 -10.86 -2.91 -0.50
N PHE B 247 -10.75 -1.98 -1.43
CA PHE B 247 -10.00 -2.22 -2.66
C PHE B 247 -8.50 -2.32 -2.36
N SER B 248 -7.78 -3.21 -3.05
CA SER B 248 -6.31 -3.09 -3.09
C SER B 248 -5.92 -1.78 -3.72
N THR B 249 -4.71 -1.38 -3.40
CA THR B 249 -4.03 -0.30 -4.13
C THR B 249 -4.15 -0.45 -5.63
N ARG B 250 -3.83 -1.65 -6.13
CA ARG B 250 -3.94 -1.96 -7.56
C ARG B 250 -5.36 -1.72 -8.09
N GLU B 251 -6.40 -2.22 -7.38
CA GLU B 251 -7.80 -1.98 -7.86
C GLU B 251 -8.08 -0.47 -7.90
N THR B 252 -7.65 0.30 -6.86
CA THR B 252 -7.83 1.79 -6.86
C THR B 252 -7.12 2.46 -8.03
N LEU B 253 -5.88 2.07 -8.35
CA LEU B 253 -5.27 2.68 -9.56
C LEU B 253 -6.09 2.30 -10.80
N ARG B 254 -6.57 1.08 -10.85
CA ARG B 254 -7.48 0.69 -11.97
C ARG B 254 -8.66 1.72 -12.01
N MET B 255 -9.25 1.97 -10.84
CA MET B 255 -10.39 2.93 -10.73
C MET B 255 -10.11 4.41 -11.04
N LEU B 256 -8.91 4.85 -10.70
CA LEU B 256 -8.56 6.24 -10.87
C LEU B 256 -8.36 6.47 -12.36
N THR B 257 -7.85 5.44 -13.02
CA THR B 257 -7.64 5.48 -14.46
C THR B 257 -8.98 5.52 -15.17
N ALA B 258 -9.92 4.67 -14.77
CA ALA B 258 -11.29 4.68 -15.35
C ALA B 258 -11.91 6.07 -15.40
N GLY B 259 -12.01 6.71 -14.25
CA GLY B 259 -12.49 8.09 -14.19
C GLY B 259 -11.83 9.01 -15.16
N LEU B 260 -10.51 9.05 -15.09
CA LEU B 260 -9.69 9.77 -16.04
C LEU B 260 -9.93 9.10 -17.43
N ALA B 261 -10.85 9.66 -18.23
CA ALA B 261 -11.42 9.06 -19.51
C ALA B 261 -13.00 9.01 -19.47
N ALA B 262 -13.72 10.00 -20.03
CA ALA B 262 -13.20 11.31 -20.45
C ALA B 262 -13.28 12.21 -19.23
N ILE C 42 34.28 -10.17 15.46
CA ILE C 42 34.05 -11.63 15.29
C ILE C 42 35.37 -12.38 15.18
N ASP C 43 35.45 -13.46 15.96
CA ASP C 43 36.54 -14.37 15.88
C ASP C 43 36.17 -15.53 14.98
N TYR C 44 36.53 -15.44 13.70
CA TYR C 44 36.13 -16.43 12.67
C TYR C 44 36.57 -17.88 12.88
N GLN C 45 37.49 -18.12 13.80
CA GLN C 45 37.94 -19.46 14.15
C GLN C 45 37.81 -19.84 15.65
N SER C 46 37.19 -19.02 16.48
CA SER C 46 36.85 -19.49 17.82
C SER C 46 35.91 -20.70 17.69
N GLU C 47 35.93 -21.61 18.66
CA GLU C 47 34.99 -22.75 18.68
C GLU C 47 33.52 -22.33 18.73
N THR C 48 33.22 -21.17 19.34
CA THR C 48 31.87 -20.66 19.36
C THR C 48 31.46 -20.47 17.91
N TYR C 49 32.34 -19.82 17.14
CA TYR C 49 31.98 -19.35 15.82
C TYR C 49 31.82 -20.51 14.88
N LYS C 50 32.73 -21.45 14.98
CA LYS C 50 32.82 -22.55 14.09
C LYS C 50 31.71 -23.46 14.36
N ASP C 51 31.40 -23.62 15.63
CA ASP C 51 30.23 -24.37 16.10
C ASP C 51 28.98 -23.77 15.45
N ALA C 52 28.82 -22.46 15.50
CA ALA C 52 27.66 -21.76 14.88
C ALA C 52 27.64 -21.93 13.37
N TYR C 53 28.80 -21.70 12.74
CA TYR C 53 28.94 -21.71 11.30
C TYR C 53 28.65 -23.09 10.67
N SER C 54 28.94 -24.15 11.42
CA SER C 54 28.68 -25.48 10.93
C SER C 54 27.18 -25.75 10.85
N ARG C 55 26.34 -25.12 11.67
CA ARG C 55 24.89 -25.31 11.47
C ARG C 55 24.35 -24.34 10.40
N ILE C 56 24.83 -23.12 10.41
CA ILE C 56 24.32 -22.14 9.48
C ILE C 56 24.78 -22.49 8.05
N ASN C 57 26.04 -22.87 7.86
CA ASN C 57 26.54 -23.34 6.57
C ASN C 57 25.74 -24.53 6.00
N ALA C 58 25.56 -25.56 6.80
CA ALA C 58 24.69 -26.71 6.46
C ALA C 58 23.26 -26.33 6.11
N ILE C 59 22.70 -25.30 6.76
CA ILE C 59 21.31 -24.90 6.52
C ILE C 59 21.21 -24.36 5.11
N VAL C 60 22.18 -23.51 4.80
CA VAL C 60 22.31 -22.93 3.48
C VAL C 60 22.64 -24.02 2.46
N ILE C 61 23.53 -24.93 2.79
CA ILE C 61 23.87 -26.01 1.82
C ILE C 61 22.67 -26.88 1.54
N GLU C 62 22.08 -27.45 2.59
CA GLU C 62 20.87 -28.26 2.46
C GLU C 62 19.75 -27.48 1.76
N GLY C 63 19.59 -26.22 2.12
CA GLY C 63 18.57 -25.39 1.52
C GLY C 63 18.62 -25.24 0.02
N GLU C 64 19.83 -25.02 -0.52
CA GLU C 64 20.05 -24.98 -1.96
C GLU C 64 19.82 -26.38 -2.64
N ASP C 65 20.21 -27.45 -1.94
CA ASP C 65 19.93 -28.81 -2.35
C ASP C 65 18.41 -29.14 -2.35
N GLU C 66 17.70 -28.82 -1.27
CA GLU C 66 16.25 -29.08 -1.26
C GLU C 66 15.53 -28.26 -2.33
N ALA C 67 16.05 -27.07 -2.64
CA ALA C 67 15.49 -26.22 -3.72
C ALA C 67 15.70 -26.82 -5.14
N ALA C 68 16.94 -27.14 -5.52
CA ALA C 68 17.27 -27.88 -6.73
C ALA C 68 16.32 -29.02 -6.94
N ASN C 69 16.15 -29.91 -5.98
CA ASN C 69 15.23 -31.08 -6.15
C ASN C 69 13.78 -30.65 -6.24
N ASN C 70 13.45 -29.56 -5.54
CA ASN C 70 12.08 -29.05 -5.57
C ASN C 70 11.72 -28.38 -6.89
N TYR C 71 12.69 -27.67 -7.47
CA TYR C 71 12.47 -27.01 -8.73
C TYR C 71 12.38 -28.06 -9.84
N VAL C 72 13.17 -29.13 -9.72
CA VAL C 72 13.13 -30.31 -10.61
C VAL C 72 11.74 -30.91 -10.50
N ARG C 73 11.30 -31.20 -9.28
CA ARG C 73 9.94 -31.73 -9.05
C ARG C 73 8.83 -30.84 -9.61
N LEU C 74 9.03 -29.53 -9.57
CA LEU C 74 8.06 -28.58 -10.13
C LEU C 74 7.97 -28.66 -11.67
N ALA C 75 9.12 -28.80 -12.30
CA ALA C 75 9.28 -29.10 -13.72
C ALA C 75 8.44 -30.33 -14.14
N GLU C 76 8.27 -31.27 -13.26
CA GLU C 76 7.38 -32.38 -13.53
C GLU C 76 5.88 -31.97 -13.46
N LEU C 77 5.55 -31.17 -12.43
CA LEU C 77 4.13 -30.80 -12.26
C LEU C 77 3.67 -29.65 -13.17
N MET C 78 4.62 -28.86 -13.68
CA MET C 78 4.31 -27.69 -14.51
C MET C 78 5.12 -27.81 -15.77
N PRO C 79 4.84 -28.86 -16.57
CA PRO C 79 5.78 -29.10 -17.66
C PRO C 79 5.69 -28.00 -18.71
N GLU C 80 4.56 -27.28 -18.76
CA GLU C 80 4.53 -26.07 -19.57
C GLU C 80 5.78 -25.22 -19.30
N GLN C 81 6.06 -24.82 -18.03
CA GLN C 81 7.25 -23.94 -17.67
C GLN C 81 8.51 -24.67 -17.17
N SER C 82 8.67 -25.91 -17.59
CA SER C 82 9.79 -26.81 -17.25
C SER C 82 11.22 -26.41 -17.64
N GLU C 83 11.36 -25.65 -18.73
CA GLU C 83 12.68 -25.14 -19.17
C GLU C 83 13.28 -24.22 -18.08
N GLU C 84 12.49 -23.26 -17.61
CA GLU C 84 13.00 -22.24 -16.71
C GLU C 84 13.24 -22.78 -15.31
N LEU C 85 12.34 -23.67 -14.89
CA LEU C 85 12.51 -24.42 -13.67
C LEU C 85 13.77 -25.23 -13.65
N ALA C 86 14.12 -25.88 -14.76
CA ALA C 86 15.41 -26.59 -14.89
C ALA C 86 16.58 -25.62 -14.85
N SER C 87 16.39 -24.39 -15.30
CA SER C 87 17.47 -23.37 -15.17
C SER C 87 17.66 -22.96 -13.71
N LEU C 88 16.53 -22.74 -13.02
CA LEU C 88 16.51 -22.41 -11.60
C LEU C 88 17.16 -23.52 -10.76
N ALA C 89 16.86 -24.77 -11.08
CA ALA C 89 17.43 -25.88 -10.39
C ALA C 89 18.95 -25.92 -10.56
N LYS C 90 19.44 -25.84 -11.79
CA LYS C 90 20.87 -25.78 -12.05
C LYS C 90 21.52 -24.71 -11.23
N MET C 91 20.88 -23.57 -11.14
CA MET C 91 21.41 -22.41 -10.48
C MET C 91 21.60 -22.63 -8.97
N GLU C 92 20.60 -23.21 -8.31
CA GLU C 92 20.71 -23.56 -6.88
C GLU C 92 21.86 -24.51 -6.58
N ALA C 93 22.07 -25.46 -7.50
CA ALA C 93 23.12 -26.48 -7.38
C ALA C 93 24.47 -25.83 -7.50
N ARG C 94 24.56 -24.80 -8.35
CA ARG C 94 25.78 -23.99 -8.43
C ARG C 94 26.04 -23.27 -7.08
N HIS C 95 24.98 -22.78 -6.46
CA HIS C 95 25.14 -22.09 -5.19
C HIS C 95 25.53 -23.06 -4.09
N LYS C 96 25.07 -24.29 -4.22
CA LYS C 96 25.43 -25.29 -3.25
C LYS C 96 26.94 -25.42 -3.19
N LYS C 97 27.59 -25.36 -4.37
CA LYS C 97 29.04 -25.60 -4.44
C LYS C 97 29.80 -24.50 -3.81
N GLY C 98 29.30 -23.30 -3.96
CA GLY C 98 29.95 -22.12 -3.41
C GLY C 98 29.78 -22.08 -1.92
N PHE C 99 28.58 -22.42 -1.45
CA PHE C 99 28.39 -22.45 -0.03
C PHE C 99 29.18 -23.61 0.57
N THR C 100 29.41 -24.66 -0.20
CA THR C 100 30.29 -25.74 0.28
C THR C 100 31.72 -25.19 0.45
N ALA C 101 32.21 -24.33 -0.46
CA ALA C 101 33.57 -23.78 -0.28
C ALA C 101 33.68 -22.82 0.89
N CYS C 102 32.57 -22.31 1.41
CA CYS C 102 32.61 -21.36 2.54
C CYS C 102 32.96 -22.03 3.86
N GLY C 103 32.38 -23.21 4.08
CA GLY C 103 32.73 -24.12 5.18
C GLY C 103 34.19 -24.56 5.10
N LYS C 104 34.56 -25.18 3.99
CA LYS C 104 35.93 -25.66 3.71
C LYS C 104 36.95 -24.58 4.06
N ASN C 105 36.74 -23.37 3.59
CA ASN C 105 37.59 -22.19 3.90
C ASN C 105 37.72 -21.89 5.40
N LEU C 106 36.70 -22.16 6.18
CA LEU C 106 36.78 -21.88 7.60
C LEU C 106 37.08 -23.16 8.40
N ASN C 107 37.33 -24.28 7.72
CA ASN C 107 37.60 -25.56 8.34
C ASN C 107 36.41 -26.08 9.08
N VAL C 108 35.26 -25.88 8.50
CA VAL C 108 34.07 -26.33 9.14
C VAL C 108 33.53 -27.44 8.28
N THR C 109 33.22 -28.56 8.89
CA THR C 109 32.33 -29.53 8.25
C THR C 109 30.90 -29.13 8.53
N PRO C 110 30.12 -28.96 7.47
CA PRO C 110 28.72 -28.70 7.73
C PRO C 110 27.99 -29.84 8.53
N ASP C 111 27.19 -29.47 9.55
CA ASP C 111 26.28 -30.40 10.24
C ASP C 111 24.95 -30.70 9.51
N MET C 112 25.03 -31.61 8.55
CA MET C 112 23.95 -31.81 7.61
C MET C 112 22.75 -32.45 8.22
N ASP C 113 22.96 -33.33 9.22
CA ASP C 113 21.87 -34.03 9.95
C ASP C 113 20.97 -33.01 10.65
N PHE C 114 21.57 -31.95 11.22
CA PHE C 114 20.87 -30.81 11.78
C PHE C 114 20.13 -30.05 10.68
N ALA C 115 20.82 -29.69 9.63
CA ALA C 115 20.17 -28.96 8.58
C ALA C 115 19.03 -29.76 7.98
N LYS C 116 19.19 -31.07 7.82
CA LYS C 116 18.14 -31.93 7.28
C LYS C 116 16.87 -31.97 8.20
N LYS C 117 17.11 -32.19 9.48
CA LYS C 117 16.07 -32.08 10.49
C LYS C 117 15.47 -30.63 10.62
N PHE C 118 16.28 -29.62 10.36
CA PHE C 118 15.82 -28.21 10.34
C PHE C 118 14.71 -28.06 9.30
N PHE C 119 14.94 -28.65 8.12
CA PHE C 119 14.00 -28.49 6.97
C PHE C 119 12.82 -29.48 6.95
N SER C 120 12.78 -30.35 7.92
CA SER C 120 12.03 -31.59 7.87
C SER C 120 10.50 -31.42 7.70
N ASP C 121 9.90 -30.46 8.41
CA ASP C 121 8.43 -30.19 8.24
C ASP C 121 8.06 -29.47 6.93
N LEU C 122 8.89 -28.49 6.54
CA LEU C 122 8.64 -27.75 5.31
C LEU C 122 8.75 -28.65 4.08
N HIS C 123 9.82 -29.41 4.07
CA HIS C 123 10.09 -30.43 3.07
C HIS C 123 8.88 -31.38 3.04
N GLY C 124 8.39 -31.77 4.21
CA GLY C 124 7.21 -32.63 4.30
C GLY C 124 6.03 -32.05 3.58
N ASN C 125 5.72 -30.81 3.93
CA ASN C 125 4.56 -30.13 3.36
C ASN C 125 4.68 -29.92 1.89
N PHE C 126 5.90 -29.67 1.42
CA PHE C 126 6.20 -29.58 0.01
C PHE C 126 5.95 -30.96 -0.62
N GLN C 127 6.58 -32.01 -0.09
CA GLN C 127 6.35 -33.40 -0.58
C GLN C 127 4.86 -33.71 -0.61
N VAL C 128 4.15 -33.49 0.50
CA VAL C 128 2.70 -33.80 0.52
C VAL C 128 1.96 -33.02 -0.54
N ALA C 129 2.23 -31.71 -0.65
CA ALA C 129 1.55 -30.92 -1.67
C ALA C 129 1.94 -31.31 -3.12
N ALA C 130 3.20 -31.67 -3.30
CA ALA C 130 3.74 -32.13 -4.60
C ALA C 130 3.18 -33.50 -5.04
N ALA C 131 2.99 -34.39 -4.08
CA ALA C 131 2.37 -35.70 -4.31
C ALA C 131 0.90 -35.62 -4.72
N ALA C 132 0.26 -34.49 -4.45
CA ALA C 132 -1.16 -34.32 -4.74
C ALA C 132 -1.40 -33.25 -5.78
N GLY C 133 -0.32 -32.75 -6.37
CA GLY C 133 -0.46 -31.71 -7.38
C GLY C 133 -0.92 -30.34 -6.93
N ASN C 134 -0.78 -30.05 -5.63
CA ASN C 134 -0.98 -28.67 -5.14
C ASN C 134 0.24 -27.78 -5.36
N ILE C 135 0.29 -27.29 -6.60
CA ILE C 135 1.37 -26.49 -7.19
C ILE C 135 1.38 -25.10 -6.57
N VAL C 136 0.19 -24.64 -6.14
CA VAL C 136 0.08 -23.34 -5.53
C VAL C 136 0.91 -23.37 -4.26
N THR C 137 0.63 -24.41 -3.44
CA THR C 137 1.22 -24.59 -2.10
C THR C 137 2.73 -24.78 -2.22
N CYS C 138 3.07 -25.71 -3.08
CA CYS C 138 4.42 -25.91 -3.58
C CYS C 138 5.16 -24.66 -3.90
N LEU C 139 4.52 -23.80 -4.68
CA LEU C 139 5.20 -22.57 -5.13
C LEU C 139 5.31 -21.49 -4.03
N LEU C 140 4.34 -21.46 -3.10
CA LEU C 140 4.43 -20.58 -1.91
C LEU C 140 5.62 -20.99 -1.04
N ILE C 141 5.68 -22.27 -0.72
CA ILE C 141 6.74 -22.80 0.10
C ILE C 141 8.08 -22.39 -0.47
N GLN C 142 8.29 -22.67 -1.74
CA GLN C 142 9.64 -22.62 -2.31
C GLN C 142 10.00 -21.27 -2.84
N ALA C 143 9.09 -20.71 -3.63
CA ALA C 143 9.42 -19.55 -4.46
C ALA C 143 9.19 -18.23 -3.75
N LEU C 144 8.42 -18.21 -2.68
CA LEU C 144 8.20 -16.96 -1.93
C LEU C 144 8.84 -16.99 -0.55
N ILE C 145 8.50 -18.03 0.23
CA ILE C 145 8.84 -18.12 1.63
C ILE C 145 10.30 -18.42 1.82
N ILE C 146 10.70 -19.56 1.36
CA ILE C 146 12.09 -19.96 1.47
C ILE C 146 12.93 -18.94 0.78
N GLU C 147 12.51 -18.54 -0.40
CA GLU C 147 13.23 -17.55 -1.14
C GLU C 147 13.37 -16.21 -0.31
N ALA C 148 12.27 -15.71 0.25
CA ALA C 148 12.35 -14.45 1.06
C ALA C 148 13.37 -14.63 2.17
N PHE C 149 13.29 -15.78 2.84
CA PHE C 149 14.04 -16.04 4.03
C PHE C 149 15.51 -16.14 3.59
N ALA C 150 15.78 -16.94 2.57
CA ALA C 150 17.10 -17.08 2.05
C ALA C 150 17.74 -15.74 1.71
N ILE C 151 17.08 -14.96 0.88
CA ILE C 151 17.62 -13.67 0.40
C ILE C 151 17.90 -12.69 1.54
N SER C 152 16.97 -12.64 2.46
CA SER C 152 17.10 -11.80 3.66
C SER C 152 18.33 -12.21 4.48
N ALA C 153 18.48 -13.52 4.60
CA ALA C 153 19.49 -14.08 5.45
C ALA C 153 20.89 -13.89 4.86
N TYR C 154 21.01 -14.05 3.56
CA TYR C 154 22.24 -13.79 2.90
C TYR C 154 22.55 -12.31 2.98
N ASN C 155 21.55 -11.48 2.89
CA ASN C 155 21.83 -10.04 2.91
C ASN C 155 22.25 -9.55 4.29
N VAL C 156 21.63 -10.09 5.31
CA VAL C 156 22.02 -9.78 6.66
C VAL C 156 23.41 -10.39 7.03
N TYR C 157 23.77 -11.53 6.41
CA TYR C 157 25.06 -12.15 6.57
C TYR C 157 26.21 -11.39 5.92
N ILE C 158 26.00 -10.84 4.73
CA ILE C 158 27.08 -10.28 3.93
C ILE C 158 27.97 -9.27 4.66
N PRO C 159 27.39 -8.35 5.45
CA PRO C 159 28.24 -7.33 6.08
C PRO C 159 29.21 -7.83 7.15
N HIS C 160 28.89 -8.98 7.71
CA HIS C 160 29.64 -9.60 8.74
C HIS C 160 30.38 -10.82 8.24
N ALA C 161 30.24 -11.23 6.95
CA ALA C 161 30.96 -12.42 6.47
C ALA C 161 32.46 -12.13 6.22
N ASP C 162 33.33 -13.14 6.43
CA ASP C 162 34.74 -13.01 6.08
C ASP C 162 34.83 -12.82 4.57
N ASP C 163 36.03 -12.45 4.08
CA ASP C 163 36.23 -11.98 2.70
C ASP C 163 35.99 -12.99 1.64
N PHE C 164 36.19 -14.27 1.94
CA PHE C 164 35.91 -15.29 0.96
C PHE C 164 34.40 -15.54 0.94
N ALA C 165 33.77 -15.78 2.10
CA ALA C 165 32.35 -16.06 2.05
C ALA C 165 31.57 -14.85 1.48
N ARG C 166 32.05 -13.61 1.73
CA ARG C 166 31.34 -12.39 1.33
C ARG C 166 31.15 -12.34 -0.18
N LYS C 167 32.24 -12.46 -0.93
CA LYS C 167 32.18 -12.51 -2.39
C LYS C 167 31.20 -13.55 -2.86
N ILE C 168 31.40 -14.77 -2.41
CA ILE C 168 30.48 -15.87 -2.79
C ILE C 168 29.01 -15.58 -2.50
N THR C 169 28.71 -14.87 -1.42
CA THR C 169 27.30 -14.69 -1.00
C THR C 169 26.69 -13.58 -1.83
N GLU C 170 27.50 -12.54 -2.12
CA GLU C 170 27.14 -11.45 -3.03
C GLU C 170 26.91 -11.97 -4.46
N ASN C 171 27.69 -12.94 -4.93
CA ASN C 171 27.37 -13.64 -6.19
C ASN C 171 26.10 -14.42 -6.16
N VAL C 172 25.85 -15.12 -5.06
CA VAL C 172 24.63 -15.87 -4.98
C VAL C 172 23.44 -14.93 -4.97
N VAL C 173 23.51 -13.91 -4.12
CA VAL C 173 22.47 -12.87 -4.08
C VAL C 173 22.24 -12.22 -5.45
N LYS C 174 23.34 -11.83 -6.11
CA LYS C 174 23.26 -11.13 -7.38
C LYS C 174 22.48 -12.02 -8.35
N ASP C 175 22.95 -13.24 -8.60
CA ASP C 175 22.11 -14.31 -9.15
C ASP C 175 20.64 -14.33 -8.65
N GLU C 176 20.39 -14.69 -7.39
CA GLU C 176 19.05 -15.18 -6.98
C GLU C 176 17.95 -14.16 -7.11
N TYR C 177 18.33 -12.90 -7.35
CA TYR C 177 17.46 -11.96 -8.04
C TYR C 177 18.19 -11.18 -9.16
N LEU C 178 17.80 -11.48 -10.40
CA LEU C 178 18.52 -11.26 -11.69
C LEU C 178 17.98 -12.34 -12.68
N HIS C 179 17.67 -13.52 -12.16
N HIS C 179 14.53 -15.99 -9.14
CA HIS C 179 16.60 -14.36 -12.70
CA HIS C 179 14.22 -17.14 -8.25
C HIS C 179 15.41 -13.98 -11.80
C HIS C 179 12.98 -16.95 -7.38
N LEU C 180 14.33 -13.35 -12.33
CA LEU C 180 13.20 -12.95 -11.43
C LEU C 180 12.46 -14.16 -10.89
N ASN C 181 11.79 -13.94 -9.76
CA ASN C 181 10.91 -14.92 -9.17
C ASN C 181 9.92 -15.57 -10.16
N PHE C 182 10.31 -16.78 -10.58
CA PHE C 182 9.52 -17.52 -11.49
C PHE C 182 8.14 -17.75 -10.89
N GLY C 183 8.12 -18.19 -9.62
CA GLY C 183 6.89 -18.57 -8.93
C GLY C 183 5.96 -17.40 -8.65
N GLU C 184 6.55 -16.23 -8.38
CA GLU C 184 5.76 -15.07 -8.09
C GLU C 184 4.93 -14.72 -9.36
N GLN C 185 5.60 -14.54 -10.51
CA GLN C 185 4.91 -14.18 -11.82
C GLN C 185 3.74 -15.13 -12.20
N TRP C 186 3.95 -16.43 -11.98
CA TRP C 186 2.96 -17.42 -12.25
C TRP C 186 1.76 -17.24 -11.28
N LEU C 187 2.05 -17.05 -9.99
CA LEU C 187 0.98 -16.85 -8.97
C LEU C 187 0.22 -15.56 -9.23
N LYS C 188 0.93 -14.56 -9.68
CA LYS C 188 0.30 -13.32 -10.11
C LYS C 188 -0.66 -13.58 -11.26
N ALA C 189 -0.18 -14.31 -12.27
CA ALA C 189 -0.95 -14.58 -13.50
C ALA C 189 -2.13 -15.48 -13.21
N ASN C 190 -2.08 -16.20 -12.09
CA ASN C 190 -3.10 -17.15 -11.74
C ASN C 190 -3.83 -16.85 -10.47
N PHE C 191 -3.78 -15.56 -10.10
CA PHE C 191 -4.10 -15.19 -8.78
C PHE C 191 -5.54 -15.62 -8.41
N GLU C 192 -6.54 -15.30 -9.24
CA GLU C 192 -7.91 -15.51 -8.75
C GLU C 192 -8.09 -16.98 -8.44
N SER C 193 -7.60 -17.86 -9.33
CA SER C 193 -7.72 -19.30 -9.15
C SER C 193 -7.02 -19.84 -7.89
N ALA C 194 -5.82 -19.32 -7.62
CA ALA C 194 -5.01 -19.74 -6.46
C ALA C 194 -5.30 -19.03 -5.12
N LYS C 195 -5.87 -17.84 -5.18
CA LYS C 195 -6.04 -17.06 -3.96
C LYS C 195 -6.36 -17.94 -2.73
N ASP C 196 -7.35 -18.83 -2.84
CA ASP C 196 -7.81 -19.54 -1.62
C ASP C 196 -6.79 -20.57 -1.09
N GLU C 197 -6.21 -21.38 -1.97
CA GLU C 197 -5.13 -22.27 -1.52
C GLU C 197 -3.88 -21.52 -0.95
N LEU C 198 -3.58 -20.33 -1.48
CA LEU C 198 -2.53 -19.48 -0.92
C LEU C 198 -2.78 -19.13 0.56
N GLU C 199 -4.00 -18.75 0.93
CA GLU C 199 -4.31 -18.42 2.33
C GLU C 199 -4.08 -19.67 3.26
N ARG C 200 -4.56 -20.85 2.84
CA ARG C 200 -4.33 -22.14 3.56
C ARG C 200 -2.85 -22.51 3.66
N ALA C 201 -2.18 -22.53 2.52
CA ALA C 201 -0.71 -22.80 2.48
C ALA C 201 0.06 -21.84 3.38
N ASN C 202 -0.25 -20.55 3.27
CA ASN C 202 0.40 -19.55 4.12
C ASN C 202 0.30 -19.90 5.64
N ARG C 203 -0.90 -20.15 6.12
CA ARG C 203 -1.14 -20.38 7.56
C ARG C 203 -0.23 -21.53 8.13
N GLU C 204 -0.32 -22.71 7.49
CA GLU C 204 0.55 -23.87 7.72
C GLU C 204 2.06 -23.48 7.73
N ASN C 205 2.52 -22.87 6.64
CA ASN C 205 3.98 -22.85 6.33
C ASN C 205 4.75 -21.68 6.82
N LEU C 206 4.13 -20.48 6.84
CA LEU C 206 4.74 -19.32 7.51
C LEU C 206 5.00 -19.65 8.96
N ALA C 207 4.02 -20.22 9.64
CA ALA C 207 4.19 -20.64 11.04
C ALA C 207 5.49 -21.44 11.22
N ILE C 208 5.73 -22.39 10.34
CA ILE C 208 6.94 -23.21 10.40
C ILE C 208 8.22 -22.40 10.22
N VAL C 209 8.22 -21.49 9.26
CA VAL C 209 9.39 -20.65 8.96
C VAL C 209 9.73 -19.70 10.13
N TRP C 210 8.69 -19.30 10.88
CA TRP C 210 8.92 -18.55 12.10
C TRP C 210 9.53 -19.45 13.19
N ARG C 211 9.11 -20.71 13.30
CA ARG C 211 9.77 -21.62 14.26
C ARG C 211 11.25 -21.86 13.85
N MET C 212 11.53 -21.75 12.56
CA MET C 212 12.88 -21.99 12.01
C MET C 212 13.84 -20.88 12.36
N LEU C 213 13.40 -19.65 12.20
CA LEU C 213 14.17 -18.50 12.69
C LEU C 213 14.47 -18.60 14.20
N ASP C 214 13.46 -18.80 15.03
CA ASP C 214 13.64 -18.99 16.48
C ASP C 214 14.80 -19.98 16.81
N GLU C 215 14.89 -21.11 16.10
CA GLU C 215 15.91 -22.15 16.41
C GLU C 215 17.36 -21.73 16.10
N VAL C 216 17.55 -20.79 15.15
CA VAL C 216 18.90 -20.41 14.70
C VAL C 216 19.24 -18.98 14.93
N ALA C 217 18.32 -18.20 15.50
CA ALA C 217 18.65 -16.85 15.93
C ALA C 217 19.96 -16.79 16.74
N GLY C 218 20.09 -17.65 17.77
CA GLY C 218 21.28 -17.74 18.65
C GLY C 218 22.56 -18.01 17.87
N ASP C 219 22.49 -19.03 17.00
CA ASP C 219 23.53 -19.30 15.97
C ASP C 219 23.79 -18.14 14.96
N ALA C 220 22.73 -17.57 14.38
CA ALA C 220 22.91 -16.43 13.47
C ALA C 220 23.61 -15.26 14.20
N LEU C 221 23.33 -15.08 15.50
CA LEU C 221 23.90 -13.93 16.23
C LEU C 221 25.42 -14.06 16.40
N VAL C 222 25.93 -15.29 16.48
CA VAL C 222 27.38 -15.49 16.59
C VAL C 222 28.07 -15.09 15.27
N LEU C 223 27.33 -15.14 14.17
CA LEU C 223 27.76 -14.64 12.88
C LEU C 223 27.41 -13.19 12.65
N GLY C 224 27.20 -12.40 13.73
CA GLY C 224 26.87 -10.99 13.61
C GLY C 224 25.46 -10.60 13.17
N MET C 225 24.60 -11.59 12.91
CA MET C 225 23.30 -11.35 12.28
C MET C 225 22.24 -11.12 13.36
N GLU C 226 21.72 -9.91 13.45
CA GLU C 226 20.73 -9.61 14.49
C GLU C 226 19.38 -10.27 14.08
N LYS C 227 18.76 -11.02 14.97
CA LYS C 227 17.44 -11.59 14.72
C LYS C 227 16.38 -10.60 14.19
N GLU C 228 16.38 -9.36 14.67
CA GLU C 228 15.41 -8.36 14.26
C GLU C 228 15.51 -8.01 12.75
N ALA C 229 16.75 -7.80 12.31
CA ALA C 229 17.12 -7.58 10.94
C ALA C 229 16.66 -8.74 9.97
N LEU C 230 16.83 -10.01 10.39
CA LEU C 230 16.35 -11.15 9.65
C LEU C 230 14.84 -11.17 9.66
N MET C 231 14.19 -10.76 10.74
CA MET C 231 12.72 -10.80 10.75
C MET C 231 12.17 -9.74 9.81
N GLU C 232 12.85 -8.57 9.80
CA GLU C 232 12.39 -7.42 9.07
C GLU C 232 12.49 -7.69 7.56
N ASP C 233 13.68 -7.99 7.10
CA ASP C 233 13.97 -8.28 5.73
C ASP C 233 13.03 -9.39 5.21
N PHE C 234 12.93 -10.49 5.93
CA PHE C 234 11.98 -11.57 5.57
C PHE C 234 10.51 -11.12 5.42
N THR C 235 10.09 -10.28 6.36
CA THR C 235 8.70 -9.82 6.43
C THR C 235 8.36 -8.88 5.27
N ILE C 236 9.32 -8.03 4.96
CA ILE C 236 9.25 -7.11 3.86
C ILE C 236 9.27 -7.86 2.52
N ALA C 237 10.16 -8.82 2.36
CA ALA C 237 10.28 -9.53 1.10
C ALA C 237 9.05 -10.41 0.89
N TYR C 238 8.63 -11.11 1.91
CA TYR C 238 7.43 -11.93 1.78
C TYR C 238 6.17 -11.09 1.64
N GLN C 239 6.02 -10.03 2.42
CA GLN C 239 4.84 -9.15 2.29
C GLN C 239 4.64 -8.52 0.88
N GLU C 240 5.76 -8.10 0.30
CA GLU C 240 5.79 -7.45 -0.96
C GLU C 240 5.61 -8.47 -2.11
N ALA C 241 6.08 -9.69 -1.92
CA ALA C 241 5.75 -10.78 -2.85
C ALA C 241 4.23 -11.01 -2.86
N LEU C 242 3.62 -11.16 -1.70
CA LEU C 242 2.18 -11.37 -1.68
C LEU C 242 1.40 -10.20 -2.23
N GLN C 243 1.85 -8.97 -1.98
CA GLN C 243 1.13 -7.82 -2.53
C GLN C 243 1.18 -7.88 -4.02
N ASN C 244 2.41 -8.03 -4.51
CA ASN C 244 2.65 -8.08 -5.92
C ASN C 244 1.80 -9.14 -6.66
N ILE C 245 1.63 -10.33 -6.10
CA ILE C 245 0.88 -11.37 -6.76
C ILE C 245 -0.61 -11.13 -6.69
N GLY C 246 -1.06 -10.21 -5.79
CA GLY C 246 -2.42 -9.65 -5.85
C GLY C 246 -3.24 -9.44 -4.58
N PHE C 247 -2.79 -9.88 -3.42
CA PHE C 247 -3.45 -9.51 -2.17
C PHE C 247 -3.32 -8.01 -1.84
N SER C 248 -4.36 -7.43 -1.24
CA SER C 248 -4.25 -6.07 -0.65
C SER C 248 -3.29 -6.10 0.49
N THR C 249 -2.74 -4.94 0.83
CA THR C 249 -1.97 -4.79 2.07
C THR C 249 -2.72 -5.43 3.22
N ARG C 250 -3.95 -4.95 3.40
CA ARG C 250 -4.79 -5.45 4.45
C ARG C 250 -4.76 -6.96 4.43
N GLU C 251 -5.03 -7.57 3.29
CA GLU C 251 -4.97 -9.05 3.22
C GLU C 251 -3.59 -9.57 3.61
N THR C 252 -2.50 -8.98 3.07
CA THR C 252 -1.16 -9.38 3.52
C THR C 252 -0.99 -9.42 5.05
N LEU C 253 -1.40 -8.36 5.74
CA LEU C 253 -1.20 -8.32 7.18
C LEU C 253 -1.97 -9.40 7.85
N ARG C 254 -3.15 -9.66 7.32
CA ARG C 254 -4.04 -10.74 7.81
C ARG C 254 -3.33 -12.13 7.68
N MET C 255 -2.58 -12.28 6.59
CA MET C 255 -1.78 -13.47 6.36
C MET C 255 -0.51 -13.55 7.19
N LEU C 256 0.18 -12.44 7.39
CA LEU C 256 1.41 -12.54 8.19
C LEU C 256 1.04 -12.88 9.62
N THR C 257 -0.12 -12.42 10.05
CA THR C 257 -0.48 -12.64 11.43
C THR C 257 -0.93 -14.08 11.61
N ALA C 258 -1.46 -14.68 10.57
CA ALA C 258 -1.67 -16.16 10.54
C ALA C 258 -0.46 -17.00 10.91
N GLY C 259 0.73 -16.58 10.48
CA GLY C 259 1.98 -17.22 10.84
C GLY C 259 2.29 -17.11 12.30
N LEU C 260 2.47 -15.90 12.83
CA LEU C 260 2.55 -15.75 14.30
C LEU C 260 1.29 -16.36 15.04
N ALA C 261 1.50 -17.45 15.79
CA ALA C 261 0.40 -18.36 16.16
C ALA C 261 -0.10 -19.06 14.87
N ALA C 262 0.50 -20.18 14.44
CA ALA C 262 1.58 -20.91 15.15
C ALA C 262 3.00 -20.41 14.82
N ILE D 42 -21.68 -22.11 24.18
CA ILE D 42 -21.43 -20.97 25.11
C ILE D 42 -22.46 -20.93 26.27
N ASP D 43 -22.11 -21.64 27.33
CA ASP D 43 -22.84 -21.56 28.59
C ASP D 43 -22.27 -20.40 29.35
N TYR D 44 -22.99 -19.28 29.34
CA TYR D 44 -22.56 -18.05 29.97
C TYR D 44 -22.62 -18.04 31.46
N GLN D 45 -23.41 -18.93 32.04
CA GLN D 45 -23.53 -18.93 33.48
C GLN D 45 -22.62 -19.96 34.10
N SER D 46 -21.89 -20.74 33.29
CA SER D 46 -20.81 -21.64 33.80
C SER D 46 -19.78 -20.90 34.66
N GLU D 47 -19.01 -21.66 35.42
CA GLU D 47 -18.11 -21.10 36.39
C GLU D 47 -16.79 -20.74 35.70
N THR D 48 -16.50 -21.41 34.59
CA THR D 48 -15.25 -21.20 33.86
C THR D 48 -15.35 -19.89 33.15
N TYR D 49 -16.54 -19.66 32.60
CA TYR D 49 -16.84 -18.46 31.86
C TYR D 49 -16.73 -17.28 32.80
N LYS D 50 -17.44 -17.34 33.92
CA LYS D 50 -17.49 -16.26 34.89
C LYS D 50 -16.14 -15.89 35.44
N ASP D 51 -15.33 -16.90 35.53
CA ASP D 51 -14.01 -16.79 36.05
C ASP D 51 -13.19 -16.01 35.06
N ALA D 52 -13.28 -16.38 33.77
CA ALA D 52 -12.54 -15.67 32.67
C ALA D 52 -13.09 -14.26 32.47
N TYR D 53 -14.44 -14.17 32.46
CA TYR D 53 -15.14 -12.95 32.15
C TYR D 53 -14.78 -11.91 33.18
N SER D 54 -14.67 -12.28 34.44
CA SER D 54 -14.21 -11.34 35.47
C SER D 54 -12.91 -10.66 35.16
N ARG D 55 -12.04 -11.35 34.45
CA ARG D 55 -10.73 -10.78 34.21
C ARG D 55 -10.76 -9.97 32.92
N ILE D 56 -11.40 -10.47 31.87
CA ILE D 56 -11.47 -9.71 30.63
C ILE D 56 -12.32 -8.45 30.84
N ASN D 57 -13.45 -8.61 31.49
CA ASN D 57 -14.36 -7.51 31.74
C ASN D 57 -13.69 -6.47 32.64
N ALA D 58 -12.69 -6.84 33.39
CA ALA D 58 -12.04 -5.87 34.25
C ALA D 58 -10.99 -5.18 33.47
N ILE D 59 -10.46 -5.84 32.45
CA ILE D 59 -9.47 -5.23 31.55
C ILE D 59 -10.15 -4.10 30.75
N VAL D 60 -11.39 -4.39 30.39
CA VAL D 60 -12.17 -3.55 29.49
C VAL D 60 -12.52 -2.31 30.32
N ILE D 61 -13.06 -2.53 31.50
CA ILE D 61 -13.37 -1.45 32.44
C ILE D 61 -12.14 -0.65 32.81
N GLU D 62 -11.02 -1.32 33.06
CA GLU D 62 -9.84 -0.61 33.52
C GLU D 62 -9.21 0.12 32.35
N GLY D 63 -9.21 -0.52 31.18
CA GLY D 63 -8.82 0.17 29.95
C GLY D 63 -9.53 1.51 29.74
N GLU D 64 -10.88 1.53 29.85
CA GLU D 64 -11.66 2.76 29.68
C GLU D 64 -11.47 3.79 30.87
N ASP D 65 -11.15 3.29 32.06
CA ASP D 65 -10.82 4.12 33.23
C ASP D 65 -9.50 4.85 32.92
N GLU D 66 -8.47 4.09 32.58
CA GLU D 66 -7.19 4.68 32.17
C GLU D 66 -7.22 5.49 30.86
N ALA D 67 -8.18 5.23 29.97
CA ALA D 67 -8.33 6.04 28.73
C ALA D 67 -8.81 7.44 29.10
N ALA D 68 -9.86 7.51 29.90
CA ALA D 68 -10.40 8.75 30.32
C ALA D 68 -9.31 9.58 31.04
N ASN D 69 -8.59 8.98 31.98
CA ASN D 69 -7.53 9.71 32.72
C ASN D 69 -6.32 10.03 31.82
N ASN D 70 -6.09 9.23 30.77
CA ASN D 70 -5.09 9.60 29.75
C ASN D 70 -5.48 10.80 28.85
N TYR D 71 -6.76 10.87 28.52
CA TYR D 71 -7.26 11.99 27.74
C TYR D 71 -7.29 13.26 28.58
N VAL D 72 -7.75 13.14 29.83
CA VAL D 72 -7.66 14.23 30.84
C VAL D 72 -6.23 14.78 30.89
N ARG D 73 -5.25 13.93 31.13
CA ARG D 73 -3.88 14.37 31.11
C ARG D 73 -3.48 14.99 29.79
N LEU D 74 -3.87 14.37 28.67
CA LEU D 74 -3.51 14.89 27.36
C LEU D 74 -4.03 16.30 27.09
N ALA D 75 -5.22 16.58 27.57
CA ALA D 75 -5.81 17.92 27.61
C ALA D 75 -5.00 19.00 28.42
N GLU D 76 -4.31 18.59 29.48
CA GLU D 76 -3.41 19.48 30.22
C GLU D 76 -2.09 19.75 29.50
N LEU D 77 -1.71 18.85 28.59
CA LEU D 77 -0.49 18.98 27.81
C LEU D 77 -0.75 19.65 26.48
N MET D 78 -2.01 19.62 26.04
CA MET D 78 -2.40 19.99 24.68
C MET D 78 -3.63 20.82 24.80
N PRO D 79 -3.50 21.95 25.51
CA PRO D 79 -4.64 22.79 25.86
C PRO D 79 -5.41 23.29 24.68
N GLU D 80 -4.73 23.42 23.54
CA GLU D 80 -5.36 23.93 22.34
C GLU D 80 -6.50 23.06 21.83
N GLN D 81 -6.43 21.72 21.96
CA GLN D 81 -7.61 20.85 21.56
C GLN D 81 -8.19 20.04 22.73
N SER D 82 -8.08 20.66 23.93
CA SER D 82 -8.67 20.16 25.15
C SER D 82 -10.20 20.10 25.10
N GLU D 83 -10.90 20.88 24.25
CA GLU D 83 -12.37 20.74 24.18
C GLU D 83 -12.72 19.36 23.63
N GLU D 84 -11.84 18.89 22.73
CA GLU D 84 -11.99 17.62 22.05
C GLU D 84 -11.52 16.44 22.94
N LEU D 85 -10.35 16.59 23.54
CA LEU D 85 -9.87 15.60 24.51
C LEU D 85 -10.91 15.38 25.61
N ALA D 86 -11.32 16.44 26.29
CA ALA D 86 -12.40 16.35 27.28
C ALA D 86 -13.67 15.64 26.80
N SER D 87 -14.06 15.87 25.56
CA SER D 87 -15.26 15.21 25.00
C SER D 87 -15.10 13.69 24.77
N LEU D 88 -13.85 13.30 24.53
CA LEU D 88 -13.45 11.90 24.36
C LEU D 88 -13.36 11.18 25.72
N ALA D 89 -12.85 11.88 26.74
CA ALA D 89 -12.80 11.40 28.11
C ALA D 89 -14.20 11.02 28.60
N LYS D 90 -15.14 11.92 28.46
CA LYS D 90 -16.50 11.71 28.97
C LYS D 90 -17.15 10.56 28.25
N MET D 91 -16.75 10.35 27.02
CA MET D 91 -17.17 9.21 26.27
C MET D 91 -16.53 7.88 26.79
N GLU D 92 -15.22 7.89 27.04
CA GLU D 92 -14.56 6.75 27.66
C GLU D 92 -15.18 6.34 29.03
N ALA D 93 -15.50 7.33 29.87
CA ALA D 93 -16.22 7.07 31.12
C ALA D 93 -17.63 6.49 30.92
N ARG D 94 -18.34 7.04 29.96
CA ARG D 94 -19.60 6.47 29.46
C ARG D 94 -19.53 4.97 29.10
N HIS D 95 -18.40 4.59 28.53
CA HIS D 95 -18.12 3.19 28.18
C HIS D 95 -17.78 2.31 29.36
N LYS D 96 -17.04 2.86 30.31
CA LYS D 96 -16.74 2.14 31.55
C LYS D 96 -18.05 1.72 32.23
N LYS D 97 -19.00 2.66 32.37
CA LYS D 97 -20.31 2.42 33.01
C LYS D 97 -21.09 1.27 32.36
N GLY D 98 -21.01 1.17 31.03
CA GLY D 98 -21.67 0.10 30.31
C GLY D 98 -20.98 -1.27 30.42
N PHE D 99 -19.66 -1.26 30.48
CA PHE D 99 -18.92 -2.47 30.55
C PHE D 99 -19.07 -3.03 31.96
N THR D 100 -18.98 -2.15 32.95
CA THR D 100 -19.37 -2.43 34.33
C THR D 100 -20.72 -3.13 34.37
N ALA D 101 -21.67 -2.67 33.58
CA ALA D 101 -22.97 -3.26 33.63
C ALA D 101 -22.98 -4.67 32.95
N CYS D 102 -22.04 -4.91 32.03
CA CYS D 102 -21.93 -6.22 31.34
C CYS D 102 -21.55 -7.28 32.35
N GLY D 103 -20.66 -6.88 33.27
CA GLY D 103 -20.20 -7.71 34.39
C GLY D 103 -21.36 -8.07 35.30
N LYS D 104 -21.95 -7.07 35.93
CA LYS D 104 -23.17 -7.26 36.76
C LYS D 104 -24.28 -8.02 36.07
N ASN D 105 -24.40 -7.94 34.76
CA ASN D 105 -25.48 -8.65 34.04
C ASN D 105 -25.36 -10.17 34.17
N LEU D 106 -24.11 -10.63 34.16
CA LEU D 106 -23.75 -12.04 34.24
C LEU D 106 -23.38 -12.50 35.66
N ASN D 107 -23.56 -11.60 36.65
CA ASN D 107 -23.20 -11.82 38.05
C ASN D 107 -21.73 -12.15 38.24
N VAL D 108 -20.90 -11.31 37.62
CA VAL D 108 -19.46 -11.37 37.82
C VAL D 108 -18.96 -10.08 38.48
N THR D 109 -18.15 -10.25 39.52
CA THR D 109 -17.41 -9.14 40.07
C THR D 109 -16.13 -9.11 39.27
N PRO D 110 -15.73 -7.94 38.79
CA PRO D 110 -14.47 -7.89 38.06
C PRO D 110 -13.20 -7.94 38.92
N ASP D 111 -12.17 -8.59 38.40
CA ASP D 111 -10.83 -8.65 39.02
C ASP D 111 -10.03 -7.37 38.72
N MET D 112 -10.31 -6.28 39.44
CA MET D 112 -9.64 -4.99 39.13
C MET D 112 -8.13 -5.01 39.35
N ASP D 113 -7.69 -5.74 40.36
CA ASP D 113 -6.26 -5.85 40.69
C ASP D 113 -5.49 -6.46 39.50
N PHE D 114 -6.09 -7.47 38.88
CA PHE D 114 -5.50 -8.09 37.73
C PHE D 114 -5.33 -7.10 36.59
N ALA D 115 -6.40 -6.36 36.34
CA ALA D 115 -6.44 -5.43 35.24
C ALA D 115 -5.43 -4.35 35.39
N LYS D 116 -5.33 -3.80 36.60
CA LYS D 116 -4.42 -2.68 36.90
C LYS D 116 -2.97 -3.12 36.67
N LYS D 117 -2.67 -4.34 37.13
CA LYS D 117 -1.40 -4.99 36.94
C LYS D 117 -1.12 -5.19 35.47
N PHE D 118 -2.17 -5.57 34.78
CA PHE D 118 -2.10 -5.86 33.34
C PHE D 118 -1.76 -4.64 32.46
N PHE D 119 -2.26 -3.48 32.85
CA PHE D 119 -1.93 -2.23 32.16
C PHE D 119 -0.74 -1.48 32.72
N SER D 120 -0.15 -1.98 33.79
CA SER D 120 0.82 -1.18 34.57
C SER D 120 2.02 -0.68 33.78
N ASP D 121 2.53 -1.45 32.83
CA ASP D 121 3.69 -0.98 32.06
C ASP D 121 3.32 0.13 31.10
N LEU D 122 2.20 0.00 30.41
CA LEU D 122 1.74 1.04 29.47
C LEU D 122 1.40 2.30 30.20
N HIS D 123 0.65 2.11 31.29
CA HIS D 123 0.30 3.17 32.22
C HIS D 123 1.59 3.84 32.66
N GLY D 124 2.55 3.00 33.10
CA GLY D 124 3.95 3.37 33.40
C GLY D 124 4.59 4.28 32.39
N ASN D 125 4.72 3.82 31.14
CA ASN D 125 5.36 4.60 30.07
C ASN D 125 4.62 5.86 29.71
N PHE D 126 3.30 5.81 29.80
CA PHE D 126 2.49 6.97 29.52
C PHE D 126 2.88 8.07 30.54
N GLN D 127 2.92 7.73 31.83
CA GLN D 127 3.25 8.70 32.88
C GLN D 127 4.56 9.37 32.56
N VAL D 128 5.60 8.54 32.40
CA VAL D 128 6.93 9.04 32.17
C VAL D 128 6.97 9.97 30.96
N ALA D 129 6.15 9.68 29.95
CA ALA D 129 6.12 10.56 28.79
C ALA D 129 5.39 11.87 29.06
N ALA D 130 4.27 11.84 29.77
CA ALA D 130 3.54 13.05 30.09
C ALA D 130 4.36 13.96 31.08
N ALA D 131 4.83 13.37 32.15
CA ALA D 131 5.75 14.05 33.07
C ALA D 131 6.93 14.71 32.32
N ALA D 132 7.41 14.09 31.24
CA ALA D 132 8.49 14.69 30.44
C ALA D 132 7.98 15.66 29.34
N GLY D 133 6.67 15.97 29.33
CA GLY D 133 6.04 16.70 28.20
C GLY D 133 6.02 16.00 26.83
N ASN D 134 6.37 14.69 26.77
CA ASN D 134 6.65 13.96 25.52
C ASN D 134 5.35 13.51 24.90
N ILE D 135 4.68 14.46 24.29
CA ILE D 135 3.30 14.31 23.86
C ILE D 135 3.07 13.31 22.68
N VAL D 136 4.08 13.11 21.84
CA VAL D 136 3.94 12.20 20.74
C VAL D 136 3.82 10.78 21.28
N THR D 137 4.71 10.40 22.21
CA THR D 137 4.64 9.11 22.89
C THR D 137 3.30 8.89 23.57
N CYS D 138 2.75 9.95 24.15
CA CYS D 138 1.44 9.86 24.80
C CYS D 138 0.35 9.47 23.89
N LEU D 139 0.42 9.99 22.66
CA LEU D 139 -0.59 9.83 21.63
C LEU D 139 -0.52 8.43 20.96
N LEU D 140 0.67 8.00 20.64
CA LEU D 140 0.89 6.68 20.13
C LEU D 140 0.35 5.66 21.10
N ILE D 141 0.68 5.82 22.38
CA ILE D 141 0.27 4.86 23.35
C ILE D 141 -1.25 4.78 23.45
N GLN D 142 -1.90 5.91 23.66
CA GLN D 142 -3.34 5.89 23.97
C GLN D 142 -4.19 6.03 22.73
N ALA D 143 -3.84 6.93 21.83
CA ALA D 143 -4.73 7.12 20.67
C ALA D 143 -4.60 6.06 19.55
N LEU D 144 -3.49 5.32 19.49
CA LEU D 144 -3.25 4.30 18.45
C LEU D 144 -3.16 2.83 18.97
N ILE D 145 -2.28 2.61 19.94
CA ILE D 145 -2.04 1.29 20.47
C ILE D 145 -3.23 0.78 21.26
N ILE D 146 -3.57 1.51 22.29
CA ILE D 146 -4.64 1.07 23.15
C ILE D 146 -5.94 1.04 22.38
N GLU D 147 -6.16 2.07 21.57
CA GLU D 147 -7.44 2.25 20.87
C GLU D 147 -7.55 1.12 19.79
N ALA D 148 -6.47 0.82 19.07
CA ALA D 148 -6.50 -0.32 18.15
C ALA D 148 -6.77 -1.62 18.88
N PHE D 149 -6.12 -1.79 20.03
CA PHE D 149 -6.26 -3.01 20.84
C PHE D 149 -7.68 -3.11 21.40
N ALA D 150 -8.20 -2.02 21.97
CA ALA D 150 -9.53 -2.06 22.57
C ALA D 150 -10.53 -2.36 21.46
N ILE D 151 -10.39 -1.67 20.32
CA ILE D 151 -11.30 -1.84 19.19
C ILE D 151 -11.33 -3.25 18.59
N SER D 152 -10.16 -3.88 18.50
CA SER D 152 -10.08 -5.29 18.10
C SER D 152 -10.76 -6.19 19.08
N ALA D 153 -10.44 -5.99 20.36
CA ALA D 153 -11.03 -6.79 21.40
C ALA D 153 -12.56 -6.71 21.37
N TYR D 154 -13.10 -5.56 21.03
CA TYR D 154 -14.53 -5.37 21.01
C TYR D 154 -15.13 -6.06 19.81
N ASN D 155 -14.50 -5.94 18.64
CA ASN D 155 -15.08 -6.52 17.44
C ASN D 155 -14.97 -8.02 17.44
N VAL D 156 -13.88 -8.55 17.97
CA VAL D 156 -13.71 -9.96 18.13
C VAL D 156 -14.71 -10.61 19.14
N TYR D 157 -15.07 -9.88 20.20
CA TYR D 157 -16.01 -10.38 21.23
C TYR D 157 -17.45 -10.40 20.76
N ILE D 158 -17.79 -9.41 19.95
CA ILE D 158 -19.16 -9.10 19.61
C ILE D 158 -19.99 -10.31 19.13
N PRO D 159 -19.47 -11.15 18.21
CA PRO D 159 -20.23 -12.33 17.69
C PRO D 159 -20.47 -13.45 18.73
N HIS D 160 -19.66 -13.41 19.76
CA HIS D 160 -19.70 -14.38 20.78
C HIS D 160 -20.41 -13.85 22.05
N ALA D 161 -20.87 -12.60 22.07
CA ALA D 161 -21.34 -12.01 23.34
C ALA D 161 -22.85 -12.25 23.61
N ASP D 162 -23.22 -12.50 24.85
CA ASP D 162 -24.66 -12.54 25.22
C ASP D 162 -25.41 -11.28 24.76
N ASP D 163 -26.72 -11.44 24.53
CA ASP D 163 -27.57 -10.36 23.97
C ASP D 163 -27.36 -8.97 24.54
N PHE D 164 -27.22 -8.92 25.85
CA PHE D 164 -27.05 -7.66 26.54
C PHE D 164 -25.68 -6.98 26.28
N ALA D 165 -24.60 -7.70 26.51
CA ALA D 165 -23.26 -7.17 26.28
C ALA D 165 -23.01 -6.81 24.80
N ARG D 166 -23.64 -7.57 23.90
CA ARG D 166 -23.46 -7.42 22.48
C ARG D 166 -23.88 -6.04 22.05
N LYS D 167 -25.10 -5.64 22.39
CA LYS D 167 -25.66 -4.37 21.93
C LYS D 167 -24.89 -3.23 22.59
N ILE D 168 -24.49 -3.43 23.84
CA ILE D 168 -23.66 -2.44 24.54
C ILE D 168 -22.30 -2.22 23.89
N THR D 169 -21.64 -3.31 23.48
CA THR D 169 -20.29 -3.26 22.89
C THR D 169 -20.37 -2.71 21.47
N GLU D 170 -21.44 -3.03 20.75
CA GLU D 170 -21.67 -2.48 19.41
C GLU D 170 -21.80 -0.98 19.57
N ASN D 171 -22.62 -0.54 20.50
CA ASN D 171 -22.64 0.88 20.81
C ASN D 171 -21.30 1.44 21.22
N VAL D 172 -20.51 0.75 22.05
CA VAL D 172 -19.15 1.24 22.33
C VAL D 172 -18.28 1.35 21.06
N VAL D 173 -18.40 0.37 20.17
CA VAL D 173 -17.68 0.39 18.91
C VAL D 173 -18.23 1.44 17.90
N LYS D 174 -19.55 1.54 17.74
CA LYS D 174 -20.16 2.51 16.84
C LYS D 174 -19.56 3.84 17.24
N ASP D 175 -19.63 4.08 18.53
CA ASP D 175 -19.24 5.32 19.13
C ASP D 175 -17.72 5.53 18.93
N GLU D 176 -16.86 4.57 19.20
CA GLU D 176 -15.38 4.86 19.30
C GLU D 176 -14.70 5.16 17.96
N TYR D 177 -15.47 5.07 16.87
CA TYR D 177 -15.04 5.62 15.59
C TYR D 177 -16.19 6.15 14.63
N LEU D 178 -17.15 6.86 15.23
CA LEU D 178 -17.85 8.01 14.63
C LEU D 178 -17.39 9.33 15.37
N HIS D 179 -16.62 9.18 16.47
N HIS D 179 -11.93 8.30 18.42
CA HIS D 179 -15.64 10.16 16.93
CA HIS D 179 -10.82 8.35 19.41
C HIS D 179 -14.31 9.78 16.29
C HIS D 179 -9.44 8.11 18.81
N LEU D 180 -13.83 10.65 15.37
CA LEU D 180 -12.56 10.45 14.60
C LEU D 180 -11.33 10.21 15.47
N ASN D 181 -10.39 9.44 14.92
CA ASN D 181 -9.14 9.29 15.58
C ASN D 181 -8.37 10.59 15.65
N PHE D 182 -8.33 11.09 16.87
CA PHE D 182 -7.93 12.42 17.15
C PHE D 182 -6.41 12.44 17.18
N GLY D 183 -5.81 11.48 17.87
CA GLY D 183 -4.34 11.39 17.99
C GLY D 183 -3.74 11.10 16.63
N GLU D 184 -4.39 10.22 15.88
CA GLU D 184 -4.02 9.91 14.52
C GLU D 184 -4.06 11.19 13.66
N GLN D 185 -5.21 11.88 13.54
CA GLN D 185 -5.24 13.15 12.78
C GLN D 185 -4.15 14.14 13.24
N TRP D 186 -3.91 14.22 14.53
CA TRP D 186 -2.99 15.19 15.02
C TRP D 186 -1.57 14.79 14.65
N LEU D 187 -1.29 13.50 14.70
CA LEU D 187 0.02 12.98 14.34
C LEU D 187 0.32 13.08 12.86
N LYS D 188 -0.69 12.85 12.05
CA LYS D 188 -0.58 13.03 10.61
C LYS D 188 -0.25 14.46 10.23
N ALA D 189 -0.99 15.42 10.79
CA ALA D 189 -0.65 16.84 10.56
C ALA D 189 0.79 17.27 10.97
N ASN D 190 1.42 16.58 11.92
CA ASN D 190 2.67 16.99 12.55
C ASN D 190 3.79 15.99 12.35
N PHE D 191 3.70 15.25 11.27
CA PHE D 191 4.35 13.97 11.12
C PHE D 191 5.84 14.04 11.01
N GLU D 192 6.36 14.99 10.24
CA GLU D 192 7.81 15.06 10.05
C GLU D 192 8.51 15.33 11.37
N SER D 193 7.94 16.22 12.15
CA SER D 193 8.44 16.46 13.53
C SER D 193 8.30 15.28 14.55
N ALA D 194 7.21 14.53 14.49
CA ALA D 194 6.96 13.37 15.41
C ALA D 194 7.68 12.10 15.00
N LYS D 195 7.85 11.92 13.69
CA LYS D 195 8.38 10.69 13.10
C LYS D 195 9.34 9.92 13.98
N ASP D 196 10.45 10.55 14.37
CA ASP D 196 11.50 9.82 15.08
C ASP D 196 10.99 9.35 16.43
N GLU D 197 10.26 10.20 17.13
CA GLU D 197 9.77 9.82 18.47
C GLU D 197 8.75 8.68 18.38
N LEU D 198 7.94 8.67 17.31
CA LEU D 198 6.96 7.62 17.04
C LEU D 198 7.60 6.27 16.81
N GLU D 199 8.76 6.28 16.19
CA GLU D 199 9.53 5.09 15.94
C GLU D 199 10.07 4.56 17.25
N ARG D 200 10.57 5.47 18.09
CA ARG D 200 11.15 5.04 19.38
C ARG D 200 10.05 4.52 20.31
N ALA D 201 8.92 5.23 20.40
CA ALA D 201 7.77 4.81 21.29
C ALA D 201 7.18 3.45 20.90
N ASN D 202 7.13 3.23 19.58
CA ASN D 202 6.66 2.01 19.02
C ASN D 202 7.39 0.78 19.53
N ARG D 203 8.70 0.81 19.40
CA ARG D 203 9.57 -0.25 19.86
C ARG D 203 9.28 -0.56 21.33
N GLU D 204 9.45 0.46 22.20
CA GLU D 204 9.18 0.42 23.66
C GLU D 204 7.80 -0.25 23.91
N ASN D 205 6.75 0.24 23.23
CA ASN D 205 5.37 -0.04 23.61
C ASN D 205 4.59 -1.10 22.83
N LEU D 206 4.81 -1.23 21.52
CA LEU D 206 4.16 -2.34 20.79
C LEU D 206 4.51 -3.66 21.48
N ALA D 207 5.79 -3.86 21.73
CA ALA D 207 6.31 -5.05 22.50
C ALA D 207 5.41 -5.47 23.66
N ILE D 208 5.03 -4.49 24.44
CA ILE D 208 4.23 -4.71 25.61
C ILE D 208 2.85 -5.22 25.21
N VAL D 209 2.24 -4.61 24.23
CA VAL D 209 0.92 -5.00 23.77
C VAL D 209 0.86 -6.41 23.28
N TRP D 210 1.93 -6.87 22.66
CA TRP D 210 2.03 -8.27 22.32
C TRP D 210 2.10 -9.12 23.57
N ARG D 211 2.87 -8.67 24.58
CA ARG D 211 2.94 -9.38 25.86
C ARG D 211 1.57 -9.45 26.49
N MET D 212 0.83 -8.35 26.40
CA MET D 212 -0.47 -8.26 27.02
C MET D 212 -1.39 -9.16 26.28
N LEU D 213 -1.29 -9.15 24.97
CA LEU D 213 -2.03 -10.09 24.16
C LEU D 213 -1.81 -11.55 24.54
N ASP D 214 -0.58 -11.93 24.83
CA ASP D 214 -0.30 -13.32 25.21
C ASP D 214 -0.92 -13.70 26.56
N GLU D 215 -0.92 -12.77 27.54
CA GLU D 215 -1.51 -13.00 28.86
C GLU D 215 -3.04 -13.20 28.91
N VAL D 216 -3.78 -12.56 28.00
CA VAL D 216 -5.25 -12.73 27.93
C VAL D 216 -5.72 -13.87 27.03
N ALA D 217 -4.84 -14.41 26.17
CA ALA D 217 -5.32 -15.38 25.11
C ALA D 217 -6.21 -16.47 25.69
N GLY D 218 -5.73 -17.11 26.78
CA GLY D 218 -6.49 -18.16 27.50
C GLY D 218 -7.93 -17.80 27.92
N ASP D 219 -8.09 -16.68 28.66
CA ASP D 219 -9.44 -16.28 29.15
C ASP D 219 -10.39 -15.77 28.04
N ALA D 220 -9.81 -15.09 27.04
CA ALA D 220 -10.53 -14.70 25.83
C ALA D 220 -11.00 -15.88 24.97
N LEU D 221 -10.25 -16.97 24.90
CA LEU D 221 -10.77 -18.22 24.21
C LEU D 221 -11.91 -18.82 25.00
N VAL D 222 -11.87 -18.74 26.33
CA VAL D 222 -13.02 -19.16 27.10
C VAL D 222 -14.28 -18.42 26.61
N LEU D 223 -14.12 -17.12 26.31
CA LEU D 223 -15.20 -16.25 25.78
C LEU D 223 -15.55 -16.46 24.34
N GLY D 224 -14.89 -17.40 23.66
CA GLY D 224 -15.14 -17.71 22.26
C GLY D 224 -14.25 -16.90 21.30
N MET D 225 -13.33 -16.11 21.84
CA MET D 225 -12.55 -15.17 21.05
C MET D 225 -11.21 -15.77 20.67
N GLU D 226 -10.92 -15.87 19.40
CA GLU D 226 -9.69 -16.56 18.98
C GLU D 226 -8.49 -15.63 19.13
N LYS D 227 -7.37 -16.13 19.65
CA LYS D 227 -6.14 -15.32 19.73
C LYS D 227 -5.81 -14.63 18.42
N GLU D 228 -5.94 -15.38 17.37
CA GLU D 228 -5.44 -14.98 16.12
C GLU D 228 -6.32 -13.85 15.55
N ALA D 229 -7.64 -13.87 15.79
CA ALA D 229 -8.45 -12.78 15.37
C ALA D 229 -8.15 -11.51 16.17
N LEU D 230 -7.76 -11.61 17.43
CA LEU D 230 -7.37 -10.44 18.18
C LEU D 230 -6.14 -9.91 17.56
N MET D 231 -5.29 -10.80 17.01
CA MET D 231 -3.94 -10.35 16.50
C MET D 231 -4.07 -9.69 15.15
N GLU D 232 -4.95 -10.23 14.30
CA GLU D 232 -5.21 -9.68 13.01
C GLU D 232 -5.70 -8.27 13.24
N ASP D 233 -6.87 -8.17 13.87
CA ASP D 233 -7.60 -6.93 13.95
C ASP D 233 -6.73 -5.81 14.54
N PHE D 234 -5.94 -6.08 15.58
CA PHE D 234 -5.07 -5.04 16.13
C PHE D 234 -4.00 -4.66 15.08
N THR D 235 -3.43 -5.66 14.39
CA THR D 235 -2.35 -5.40 13.40
C THR D 235 -2.83 -4.54 12.24
N ILE D 236 -4.02 -4.83 11.78
CA ILE D 236 -4.67 -4.09 10.72
C ILE D 236 -4.93 -2.63 11.16
N ALA D 237 -5.66 -2.43 12.24
CA ALA D 237 -5.88 -1.07 12.75
C ALA D 237 -4.60 -0.29 13.05
N TYR D 238 -3.62 -0.92 13.60
CA TYR D 238 -2.40 -0.17 13.98
C TYR D 238 -1.56 0.10 12.73
N GLN D 239 -1.43 -0.90 11.85
CA GLN D 239 -0.75 -0.70 10.60
C GLN D 239 -1.35 0.43 9.77
N GLU D 240 -2.68 0.48 9.75
CA GLU D 240 -3.39 1.43 8.94
C GLU D 240 -3.32 2.79 9.60
N ALA D 241 -3.38 2.87 10.93
CA ALA D 241 -3.19 4.15 11.63
C ALA D 241 -1.80 4.74 11.30
N LEU D 242 -0.76 3.92 11.38
CA LEU D 242 0.65 4.31 11.06
C LEU D 242 0.85 4.76 9.62
N GLN D 243 0.31 3.98 8.72
CA GLN D 243 0.40 4.36 7.35
C GLN D 243 -0.34 5.68 7.07
N ASN D 244 -1.54 5.82 7.60
CA ASN D 244 -2.28 7.03 7.38
C ASN D 244 -1.50 8.30 7.90
N ILE D 245 -0.78 8.18 9.00
CA ILE D 245 -0.09 9.33 9.58
C ILE D 245 1.24 9.61 8.85
N GLY D 246 1.64 8.73 7.94
CA GLY D 246 2.67 9.06 6.99
C GLY D 246 3.86 8.16 6.78
N PHE D 247 3.93 7.03 7.48
CA PHE D 247 4.93 5.99 7.15
C PHE D 247 4.58 5.24 5.83
N SER D 248 5.57 4.81 5.00
CA SER D 248 5.26 3.83 3.96
C SER D 248 4.84 2.55 4.64
N THR D 249 4.15 1.73 3.87
CA THR D 249 4.02 0.32 4.24
C THR D 249 5.29 -0.34 4.69
N ARG D 250 6.34 -0.25 3.88
CA ARG D 250 7.62 -0.85 4.26
C ARG D 250 8.09 -0.37 5.68
N GLU D 251 8.00 0.95 5.98
CA GLU D 251 8.37 1.42 7.36
C GLU D 251 7.48 0.80 8.49
N THR D 252 6.16 0.74 8.26
CA THR D 252 5.26 0.10 9.22
C THR D 252 5.67 -1.36 9.44
N LEU D 253 6.06 -2.10 8.39
CA LEU D 253 6.48 -3.49 8.65
C LEU D 253 7.78 -3.49 9.45
N ARG D 254 8.68 -2.54 9.20
CA ARG D 254 9.84 -2.47 10.11
C ARG D 254 9.37 -2.28 11.54
N MET D 255 8.47 -1.34 11.72
CA MET D 255 7.97 -1.03 13.08
C MET D 255 7.20 -2.16 13.73
N LEU D 256 6.42 -2.91 12.95
CA LEU D 256 5.63 -3.99 13.53
C LEU D 256 6.57 -5.09 13.97
N THR D 257 7.66 -5.28 13.21
CA THR D 257 8.72 -6.25 13.51
C THR D 257 9.50 -5.88 14.77
N ALA D 258 9.87 -4.61 14.93
CA ALA D 258 10.52 -4.13 16.20
C ALA D 258 9.70 -4.48 17.45
N GLY D 259 8.40 -4.26 17.41
CA GLY D 259 7.49 -4.82 18.41
C GLY D 259 7.84 -6.21 18.81
N LEU D 260 7.89 -7.15 17.85
CA LEU D 260 8.36 -8.52 18.12
C LEU D 260 9.88 -8.54 18.39
N ALA D 261 10.22 -8.86 19.64
CA ALA D 261 11.47 -8.47 20.33
C ALA D 261 11.20 -7.29 21.36
N ALA D 262 10.64 -7.56 22.55
CA ALA D 262 10.13 -8.87 22.95
C ALA D 262 8.63 -8.84 22.75
#